data_6BMW
#
_entry.id   6BMW
#
_cell.length_a   46.270
_cell.length_b   214.130
_cell.length_c   56.030
_cell.angle_alpha   90.00
_cell.angle_beta   96.68
_cell.angle_gamma   90.00
#
_symmetry.space_group_name_H-M   'P 1 21 1'
#
loop_
_entity.id
_entity.type
_entity.pdbx_description
1 polymer 'Tyrosine-protein phosphatase non-receptor type 11'
2 non-polymer 6-(4-azanyl-4-methyl-piperidin-1-yl)-3-[2,3-bis(chloranyl)phenyl]pyrazin-2-amine
3 non-polymer '3-{4-[(2-chlorophenyl)methyl]-5-oxo-4,5-dihydro[1,2,4]triazolo[4,3-a]quinazolin-1-yl}-4-hydroxybenzoic acid'
4 non-polymer 'PHOSPHATE ION'
5 non-polymer GLYCEROL
6 water water
#
_entity_poly.entity_id   1
_entity_poly.type   'polypeptide(L)'
_entity_poly.pdbx_seq_one_letter_code
;SMTSRRWFHPNITGVEAENLLLTRGVDGSFLARPSKSNPGDFTLSVRRNGAVTHIKIQNTGDYYDLYGGEKFATLAELVQ
YYMEHHGQLKEKNGDVIELKYPLNCADPTSERWFHGHLSGKEAEKLLTEKGKHGSFLVRESQSHPGDFVLSVRTGDDKGE
SNDGKSKVTHVMIRCQELKYDVGGGERFDSLTDLVEHYKKNPMVETLGTVLQLKQPLNTTRINAAEIESRVRELSKLAET
TDKVKQGFWEEFETLQQQECKLLYSRKEGQRQENKNKNRYKNILPFDHTRVVLHDGDPNEPVSDYINANIIMPEFETKCN
NSKPKKSYIATQGCLQNTVNDFWRMVFQENSRVIVMTTKEVERGKSKCVKYWPDEYALKEYGVMRVRNVKESAAHDYTLR
ELKLSKVGQGNTERTVWQYHFRTWPDHGVPSDPGGVLDFLEEVHHKQESIMDAGPVVVHCSAGIGRTGTFIVIDILIDII
REKGVDCDIDVPKTIQMVRSQRSGMVQTEAQYRFIYMAVQHYIETL
;
_entity_poly.pdbx_strand_id   A,B
#
loop_
_chem_comp.id
_chem_comp.type
_chem_comp.name
_chem_comp.formula
5OD non-polymer 6-(4-azanyl-4-methyl-piperidin-1-yl)-3-[2,3-bis(chloranyl)phenyl]pyrazin-2-amine 'C16 H19 Cl2 N5'
DZS non-polymer '3-{4-[(2-chlorophenyl)methyl]-5-oxo-4,5-dihydro[1,2,4]triazolo[4,3-a]quinazolin-1-yl}-4-hydroxybenzoic acid' 'C23 H15 Cl N4 O4'
GOL non-polymer GLYCEROL 'C3 H8 O3'
PO4 non-polymer 'PHOSPHATE ION' 'O4 P -3'
#
# COMPACT_ATOMS: atom_id res chain seq x y z
N SER A 4 38.89 2.72 13.88
CA SER A 4 38.62 1.67 14.87
C SER A 4 37.15 1.71 15.39
N ARG A 5 36.71 0.60 16.00
CA ARG A 5 35.37 0.41 16.53
C ARG A 5 35.43 -0.09 17.99
N ARG A 6 36.50 0.29 18.72
CA ARG A 6 36.74 -0.05 20.13
C ARG A 6 35.60 0.46 21.06
N TRP A 7 34.83 1.49 20.64
CA TRP A 7 33.73 2.05 21.43
C TRP A 7 32.54 1.09 21.53
N PHE A 8 32.57 -0.05 20.81
CA PHE A 8 31.47 -0.99 20.91
C PHE A 8 31.81 -2.16 21.85
N HIS A 9 31.03 -2.29 22.93
CA HIS A 9 31.22 -3.33 23.95
C HIS A 9 30.10 -4.40 23.78
N PRO A 10 30.41 -5.62 23.33
CA PRO A 10 29.36 -6.62 23.08
C PRO A 10 28.78 -7.37 24.29
N ASN A 11 29.56 -7.51 25.38
CA ASN A 11 29.16 -8.32 26.53
C ASN A 11 28.93 -7.51 27.82
N ILE A 12 28.45 -6.26 27.71
CA ILE A 12 28.22 -5.47 28.92
C ILE A 12 26.73 -5.14 29.11
N THR A 13 26.36 -4.85 30.37
CA THR A 13 25.01 -4.46 30.81
C THR A 13 25.00 -2.91 30.95
N GLY A 14 23.83 -2.33 31.19
CA GLY A 14 23.68 -0.89 31.39
C GLY A 14 24.37 -0.37 32.64
N VAL A 15 24.39 -1.19 33.71
CA VAL A 15 25.04 -0.86 34.99
C VAL A 15 26.57 -0.90 34.82
N GLU A 16 27.09 -1.95 34.13
CA GLU A 16 28.51 -2.11 33.80
C GLU A 16 28.96 -0.90 32.98
N ALA A 17 28.12 -0.46 32.02
CA ALA A 17 28.33 0.70 31.16
C ALA A 17 28.36 1.99 31.95
N GLU A 18 27.47 2.13 32.95
CA GLU A 18 27.36 3.31 33.80
C GLU A 18 28.60 3.43 34.68
N ASN A 19 29.03 2.32 35.33
CA ASN A 19 30.22 2.25 36.19
C ASN A 19 31.51 2.45 35.39
N LEU A 20 31.59 1.92 34.13
CA LEU A 20 32.72 2.09 33.20
C LEU A 20 32.88 3.57 32.86
N LEU A 21 31.77 4.24 32.52
CA LEU A 21 31.76 5.65 32.13
C LEU A 21 32.00 6.63 33.27
N LEU A 22 31.54 6.29 34.48
CA LEU A 22 31.70 7.15 35.66
C LEU A 22 33.11 7.06 36.23
N THR A 23 33.68 5.84 36.31
CA THR A 23 35.00 5.64 36.90
C THR A 23 36.16 5.75 35.90
N ARG A 24 35.95 5.46 34.58
CA ARG A 24 37.05 5.49 33.61
C ARG A 24 36.87 6.51 32.48
N GLY A 25 35.72 7.16 32.42
CA GLY A 25 35.46 8.19 31.43
C GLY A 25 35.43 9.60 31.99
N VAL A 26 35.15 10.58 31.13
CA VAL A 26 35.03 12.00 31.46
C VAL A 26 33.76 12.55 30.74
N ASP A 27 33.45 13.85 30.87
CA ASP A 27 32.31 14.41 30.14
C ASP A 27 32.61 14.40 28.63
N GLY A 28 31.74 13.73 27.89
CA GLY A 28 31.92 13.53 26.46
C GLY A 28 32.35 12.11 26.15
N SER A 29 32.53 11.25 27.20
CA SER A 29 32.88 9.83 27.04
C SER A 29 31.67 9.03 26.58
N PHE A 30 31.87 8.13 25.61
CA PHE A 30 30.75 7.35 25.11
C PHE A 30 31.09 5.93 24.74
N LEU A 31 30.05 5.09 24.68
CA LEU A 31 30.15 3.71 24.21
C LEU A 31 28.81 3.24 23.65
N ALA A 32 28.85 2.26 22.74
CA ALA A 32 27.64 1.63 22.22
C ALA A 32 27.63 0.18 22.70
N ARG A 33 26.44 -0.42 22.83
CA ARG A 33 26.31 -1.80 23.33
C ARG A 33 24.98 -2.45 22.89
N PRO A 34 24.93 -3.80 22.76
CA PRO A 34 23.64 -4.44 22.42
C PRO A 34 22.68 -4.43 23.62
N SER A 35 21.37 -4.39 23.36
CA SER A 35 20.35 -4.34 24.40
C SER A 35 20.13 -5.69 25.05
N LYS A 36 20.08 -5.69 26.40
CA LYS A 36 19.87 -6.88 27.23
C LYS A 36 18.38 -7.03 27.53
N PRO A 39 16.65 -7.34 22.95
CA PRO A 39 17.64 -7.91 22.03
C PRO A 39 17.28 -7.65 20.57
N GLY A 40 18.24 -7.13 19.81
CA GLY A 40 18.07 -6.70 18.42
C GLY A 40 18.17 -5.18 18.33
N ASP A 41 18.15 -4.53 19.51
CA ASP A 41 18.28 -3.10 19.76
C ASP A 41 19.66 -2.77 20.37
N PHE A 42 20.01 -1.48 20.37
CA PHE A 42 21.30 -1.00 20.83
C PHE A 42 21.17 0.19 21.76
N THR A 43 22.22 0.41 22.58
CA THR A 43 22.25 1.56 23.49
C THR A 43 23.55 2.33 23.32
N LEU A 44 23.42 3.65 23.14
CA LEU A 44 24.53 4.58 23.11
C LEU A 44 24.50 5.27 24.51
N SER A 45 25.51 4.96 25.36
CA SER A 45 25.64 5.50 26.72
C SER A 45 26.68 6.64 26.72
N VAL A 46 26.27 7.87 27.08
CA VAL A 46 27.13 9.05 27.06
C VAL A 46 27.19 9.72 28.41
N ARG A 47 28.41 10.14 28.83
CA ARG A 47 28.62 10.89 30.05
C ARG A 47 28.51 12.39 29.72
N ARG A 48 27.58 13.08 30.41
CA ARG A 48 27.28 14.50 30.23
C ARG A 48 27.01 15.13 31.60
N ASN A 49 27.81 16.16 31.96
CA ASN A 49 27.75 16.90 33.23
C ASN A 49 27.74 15.96 34.48
N GLY A 50 28.69 15.02 34.50
CA GLY A 50 28.86 14.05 35.60
C GLY A 50 27.86 12.91 35.70
N ALA A 51 26.88 12.88 34.78
CA ALA A 51 25.85 11.83 34.75
C ALA A 51 25.81 11.08 33.40
N VAL A 52 25.40 9.80 33.44
CA VAL A 52 25.27 8.92 32.25
C VAL A 52 23.85 8.96 31.67
N THR A 53 23.75 9.20 30.34
CA THR A 53 22.51 9.23 29.57
C THR A 53 22.52 8.08 28.55
N HIS A 54 21.46 7.26 28.57
CA HIS A 54 21.26 6.12 27.69
C HIS A 54 20.29 6.52 26.55
N ILE A 55 20.74 6.33 25.28
CA ILE A 55 19.98 6.62 24.06
C ILE A 55 19.74 5.31 23.30
N LYS A 56 18.46 5.02 23.04
CA LYS A 56 18.04 3.81 22.33
C LYS A 56 18.29 3.94 20.85
N ILE A 57 18.75 2.84 20.25
CA ILE A 57 18.98 2.69 18.81
C ILE A 57 18.19 1.45 18.43
N GLN A 58 17.30 1.60 17.45
CA GLN A 58 16.46 0.51 16.99
C GLN A 58 16.79 0.11 15.56
N ASN A 59 16.84 -1.19 15.32
CA ASN A 59 17.01 -1.77 14.00
C ASN A 59 16.05 -2.96 13.82
N THR A 60 15.04 -2.79 12.95
CA THR A 60 14.12 -3.90 12.66
C THR A 60 14.52 -4.59 11.36
N GLY A 61 15.56 -4.06 10.70
CA GLY A 61 16.09 -4.61 9.46
C GLY A 61 16.25 -3.62 8.30
N ASP A 62 15.92 -2.36 8.53
CA ASP A 62 16.03 -1.35 7.46
C ASP A 62 17.15 -0.35 7.62
N TYR A 63 17.45 0.09 8.86
CA TYR A 63 18.41 1.13 9.22
C TYR A 63 18.52 1.22 10.72
N TYR A 64 19.57 1.88 11.22
CA TYR A 64 19.77 2.11 12.66
C TYR A 64 19.05 3.43 12.96
N ASP A 65 18.01 3.36 13.79
CA ASP A 65 17.17 4.50 14.17
C ASP A 65 17.52 4.96 15.61
N LEU A 66 18.15 6.13 15.72
CA LEU A 66 18.60 6.74 16.98
C LEU A 66 17.49 7.62 17.59
N TYR A 67 17.15 7.42 18.88
CA TYR A 67 16.15 8.25 19.55
C TYR A 67 16.63 9.70 19.66
N GLY A 68 15.88 10.62 19.05
CA GLY A 68 16.23 12.03 19.08
C GLY A 68 17.29 12.43 18.06
N GLY A 69 17.73 11.46 17.26
CA GLY A 69 18.70 11.66 16.20
C GLY A 69 18.15 11.27 14.84
N GLU A 70 19.05 10.77 13.99
CA GLU A 70 18.74 10.38 12.62
C GLU A 70 18.85 8.84 12.35
N LYS A 71 18.64 8.45 11.07
CA LYS A 71 18.72 7.08 10.59
C LYS A 71 20.02 6.87 9.84
N PHE A 72 20.71 5.80 10.17
CA PHE A 72 22.03 5.50 9.62
C PHE A 72 22.11 4.07 9.10
N ALA A 73 23.06 3.83 8.19
CA ALA A 73 23.29 2.50 7.62
C ALA A 73 24.12 1.60 8.54
N THR A 74 25.05 2.16 9.35
CA THR A 74 25.89 1.35 10.28
C THR A 74 26.11 2.12 11.55
N LEU A 75 26.44 1.46 12.66
CA LEU A 75 26.81 2.15 13.92
C LEU A 75 28.07 3.00 13.77
N ALA A 76 29.05 2.54 12.94
CA ALA A 76 30.29 3.27 12.67
C ALA A 76 30.00 4.58 11.92
N GLU A 77 29.02 4.58 10.98
CA GLU A 77 28.65 5.78 10.23
C GLU A 77 27.95 6.75 11.18
N LEU A 78 27.08 6.22 12.06
CA LEU A 78 26.39 6.99 13.10
C LEU A 78 27.40 7.74 14.00
N VAL A 79 28.34 7.00 14.60
CA VAL A 79 29.39 7.55 15.48
C VAL A 79 30.28 8.56 14.74
N GLN A 80 30.72 8.22 13.50
CA GLN A 80 31.56 9.09 12.67
C GLN A 80 30.86 10.43 12.44
N TYR A 81 29.54 10.40 12.18
CA TYR A 81 28.74 11.58 11.90
C TYR A 81 28.62 12.49 13.12
N TYR A 82 28.20 11.94 14.27
CA TYR A 82 27.98 12.71 15.48
C TYR A 82 29.28 13.23 16.12
N MET A 83 30.40 12.56 15.88
CA MET A 83 31.71 13.00 16.34
C MET A 83 32.20 14.17 15.48
N GLU A 84 31.64 14.34 14.27
CA GLU A 84 31.98 15.39 13.32
C GLU A 84 30.96 16.52 13.30
N HIS A 85 29.68 16.23 13.62
CA HIS A 85 28.59 17.22 13.58
C HIS A 85 27.97 17.47 14.95
N HIS A 86 28.53 18.46 15.67
CA HIS A 86 28.10 18.83 17.02
C HIS A 86 26.83 19.70 17.00
N GLY A 87 25.92 19.37 17.91
CA GLY A 87 24.62 20.03 18.04
C GLY A 87 23.46 19.24 17.45
N GLN A 88 23.78 18.16 16.70
CA GLN A 88 22.81 17.31 16.01
C GLN A 88 22.14 16.27 16.91
N LEU A 89 22.74 15.98 18.08
CA LEU A 89 22.19 15.03 19.04
C LEU A 89 21.68 15.77 20.28
N LYS A 90 20.43 15.50 20.70
CA LYS A 90 19.79 16.17 21.84
C LYS A 90 18.65 15.35 22.44
N ASP A 95 18.39 19.82 24.60
CA ASP A 95 19.65 19.69 25.34
C ASP A 95 20.67 18.82 24.59
N VAL A 96 21.63 19.49 23.90
CA VAL A 96 22.69 18.87 23.08
C VAL A 96 23.62 17.91 23.84
N ILE A 97 23.80 16.71 23.26
CA ILE A 97 24.66 15.63 23.78
C ILE A 97 25.85 15.51 22.82
N GLU A 98 27.08 15.57 23.35
CA GLU A 98 28.32 15.49 22.57
C GLU A 98 29.10 14.18 22.71
N LEU A 99 29.51 13.55 21.58
CA LEU A 99 30.31 12.32 21.50
C LEU A 99 31.76 12.75 21.27
N LYS A 100 32.52 12.92 22.36
CA LYS A 100 33.91 13.40 22.28
C LYS A 100 34.92 12.29 22.37
N TYR A 101 34.81 11.43 23.40
CA TYR A 101 35.78 10.37 23.64
C TYR A 101 35.21 8.99 23.66
N PRO A 102 35.60 8.14 22.67
CA PRO A 102 35.20 6.73 22.74
C PRO A 102 35.79 6.09 24.00
N LEU A 103 35.02 5.25 24.69
CA LEU A 103 35.54 4.54 25.84
C LEU A 103 35.78 3.14 25.30
N ASN A 104 37.05 2.80 25.09
CA ASN A 104 37.50 1.56 24.47
C ASN A 104 37.22 0.32 25.26
N CYS A 105 36.87 -0.75 24.53
CA CYS A 105 36.55 -2.08 25.00
C CYS A 105 37.76 -2.98 24.82
N ALA A 106 38.13 -3.73 25.87
CA ALA A 106 39.28 -4.64 25.86
C ALA A 106 38.91 -6.10 25.58
N ASP A 107 37.60 -6.41 25.51
CA ASP A 107 37.05 -7.74 25.27
C ASP A 107 37.42 -8.25 23.85
N PRO A 108 38.12 -9.41 23.71
CA PRO A 108 38.49 -9.90 22.36
C PRO A 108 37.45 -10.74 21.61
N THR A 109 36.24 -10.98 22.16
CA THR A 109 35.19 -11.84 21.57
C THR A 109 34.77 -11.49 20.11
N SER A 110 34.83 -10.22 19.69
CA SER A 110 34.44 -9.85 18.31
C SER A 110 35.63 -9.68 17.37
N GLU A 111 36.79 -10.25 17.73
CA GLU A 111 37.99 -10.22 16.90
C GLU A 111 37.97 -11.48 16.06
N ARG A 112 38.35 -11.36 14.77
CA ARG A 112 38.39 -12.46 13.79
CA ARG A 112 38.40 -12.46 13.79
C ARG A 112 39.33 -13.60 14.19
N TRP A 113 40.43 -13.26 14.87
CA TRP A 113 41.49 -14.18 15.31
C TRP A 113 41.26 -14.87 16.68
N PHE A 114 40.29 -14.39 17.50
CA PHE A 114 40.05 -14.93 18.83
C PHE A 114 39.14 -16.16 18.84
N HIS A 115 39.69 -17.31 19.24
CA HIS A 115 38.99 -18.58 19.30
C HIS A 115 38.96 -19.23 20.70
N GLY A 116 38.46 -18.49 21.70
CA GLY A 116 38.33 -18.90 23.10
C GLY A 116 38.96 -20.22 23.47
N HIS A 117 38.13 -21.25 23.71
CA HIS A 117 38.59 -22.61 24.01
C HIS A 117 38.90 -23.35 22.71
N LEU A 118 40.11 -23.92 22.56
CA LEU A 118 40.48 -24.63 21.34
C LEU A 118 41.41 -25.84 21.58
N GLU A 122 44.32 -29.28 17.81
CA GLU A 122 43.05 -28.64 17.51
C GLU A 122 43.28 -27.36 16.68
N ALA A 123 44.01 -26.37 17.26
CA ALA A 123 44.39 -25.12 16.59
C ALA A 123 45.45 -25.44 15.53
N GLU A 124 46.24 -26.50 15.77
CA GLU A 124 47.28 -26.99 14.84
C GLU A 124 46.60 -27.68 13.64
N LYS A 125 45.50 -28.43 13.89
CA LYS A 125 44.72 -29.10 12.84
C LYS A 125 44.18 -28.05 11.85
N LEU A 126 43.48 -27.02 12.38
CA LEU A 126 42.91 -25.89 11.63
C LEU A 126 43.96 -25.13 10.81
N LEU A 127 45.13 -24.79 11.42
CA LEU A 127 46.22 -24.09 10.74
C LEU A 127 46.88 -24.93 9.67
N THR A 128 46.98 -26.26 9.87
CA THR A 128 47.56 -27.17 8.89
C THR A 128 46.60 -27.35 7.71
N GLU A 129 45.29 -27.47 8.00
CA GLU A 129 44.26 -27.65 6.96
C GLU A 129 43.94 -26.39 6.17
N LYS A 130 43.51 -25.31 6.86
CA LYS A 130 43.03 -24.05 6.27
C LYS A 130 44.07 -22.96 6.10
N GLY A 131 45.02 -22.88 7.02
CA GLY A 131 46.04 -21.84 7.07
C GLY A 131 47.03 -21.80 5.92
N LYS A 132 47.73 -20.65 5.84
CA LYS A 132 48.79 -20.35 4.88
C LYS A 132 49.83 -19.50 5.60
N HIS A 133 50.88 -19.03 4.90
CA HIS A 133 51.92 -18.18 5.50
C HIS A 133 51.32 -16.90 6.11
N GLY A 134 51.46 -16.76 7.42
CA GLY A 134 50.95 -15.62 8.16
C GLY A 134 49.59 -15.81 8.79
N SER A 135 48.98 -17.01 8.64
CA SER A 135 47.67 -17.28 9.26
C SER A 135 47.87 -17.49 10.75
N PHE A 136 47.15 -16.72 11.56
CA PHE A 136 47.28 -16.76 13.02
C PHE A 136 45.94 -16.87 13.71
N LEU A 137 45.98 -17.19 15.01
CA LEU A 137 44.81 -17.26 15.89
C LEU A 137 45.29 -17.07 17.32
N VAL A 138 44.38 -16.73 18.22
CA VAL A 138 44.61 -16.55 19.64
C VAL A 138 43.54 -17.39 20.37
N ARG A 139 43.96 -18.16 21.39
CA ARG A 139 43.12 -19.04 22.19
C ARG A 139 43.47 -18.94 23.68
N GLU A 140 42.56 -19.44 24.52
CA GLU A 140 42.71 -19.47 25.97
C GLU A 140 43.54 -20.70 26.30
N SER A 141 44.67 -20.51 27.01
CA SER A 141 45.58 -21.60 27.43
C SER A 141 44.96 -22.49 28.52
N PRO A 145 46.06 -21.67 32.13
CA PRO A 145 45.07 -21.10 33.05
C PRO A 145 45.11 -19.57 33.08
N GLY A 146 44.03 -18.93 32.64
CA GLY A 146 43.91 -17.47 32.56
C GLY A 146 44.84 -16.79 31.56
N ASP A 147 45.81 -17.56 31.02
CA ASP A 147 46.80 -17.15 30.02
C ASP A 147 46.28 -17.46 28.60
N PHE A 148 47.01 -17.00 27.57
CA PHE A 148 46.57 -17.19 26.18
C PHE A 148 47.68 -17.73 25.29
N VAL A 149 47.35 -18.24 24.10
CA VAL A 149 48.35 -18.75 23.15
C VAL A 149 48.14 -18.09 21.80
N LEU A 150 49.22 -17.63 21.17
CA LEU A 150 49.22 -17.06 19.83
C LEU A 150 49.85 -18.14 18.94
N SER A 151 49.06 -18.70 18.03
CA SER A 151 49.53 -19.76 17.14
C SER A 151 49.56 -19.27 15.72
N VAL A 152 50.75 -19.30 15.09
CA VAL A 152 51.05 -18.78 13.75
C VAL A 152 51.57 -19.86 12.82
N ARG A 153 51.21 -19.75 11.54
CA ARG A 153 51.73 -20.61 10.52
C ARG A 153 52.67 -19.79 9.63
N THR A 154 53.82 -20.37 9.29
CA THR A 154 54.85 -19.75 8.46
C THR A 154 55.35 -20.78 7.46
N GLY A 155 55.60 -20.32 6.23
CA GLY A 155 56.10 -21.16 5.14
C GLY A 155 55.53 -20.78 3.79
N SER A 166 56.94 -25.42 5.60
CA SER A 166 55.93 -24.79 6.45
C SER A 166 55.93 -25.37 7.86
N LYS A 167 55.51 -24.56 8.86
CA LYS A 167 55.42 -24.94 10.27
C LYS A 167 54.47 -24.05 11.08
N VAL A 168 54.07 -24.51 12.27
CA VAL A 168 53.22 -23.77 13.21
C VAL A 168 54.03 -23.47 14.46
N THR A 169 54.00 -22.20 14.91
CA THR A 169 54.70 -21.72 16.09
C THR A 169 53.66 -21.23 17.11
N HIS A 170 53.83 -21.63 18.38
CA HIS A 170 52.99 -21.25 19.50
C HIS A 170 53.76 -20.29 20.42
N VAL A 171 53.16 -19.12 20.69
CA VAL A 171 53.72 -18.07 21.54
C VAL A 171 52.79 -17.96 22.74
N MET A 172 53.32 -18.13 23.93
CA MET A 172 52.50 -17.99 25.14
C MET A 172 52.28 -16.51 25.44
N ILE A 173 51.06 -16.16 25.90
CA ILE A 173 50.65 -14.80 26.24
C ILE A 173 50.24 -14.79 27.69
N ARG A 174 51.13 -14.26 28.52
CA ARG A 174 50.92 -14.18 29.95
C ARG A 174 50.01 -13.01 30.33
N CYS A 175 48.99 -13.32 31.11
CA CYS A 175 48.07 -12.34 31.66
C CYS A 175 48.52 -12.22 33.11
N GLN A 176 49.13 -11.07 33.46
CA GLN A 176 49.69 -10.74 34.78
C GLN A 176 49.14 -9.39 35.21
N GLU A 177 48.23 -9.38 36.19
CA GLU A 177 47.61 -8.18 36.77
C GLU A 177 46.92 -7.28 35.72
N LEU A 178 45.92 -7.85 35.01
CA LEU A 178 45.07 -7.20 34.00
C LEU A 178 45.83 -6.76 32.72
N LYS A 179 47.15 -7.08 32.63
CA LYS A 179 47.96 -6.77 31.47
C LYS A 179 48.48 -8.02 30.78
N TYR A 180 48.69 -7.92 29.46
CA TYR A 180 49.11 -9.01 28.60
C TYR A 180 50.50 -8.79 28.02
N ASP A 181 51.32 -9.86 27.97
CA ASP A 181 52.69 -9.82 27.44
C ASP A 181 53.12 -11.17 26.90
N VAL A 182 54.12 -11.17 26.00
CA VAL A 182 54.71 -12.37 25.38
C VAL A 182 56.01 -12.81 26.13
N GLY A 183 56.12 -12.49 27.41
CA GLY A 183 57.27 -12.88 28.24
C GLY A 183 58.36 -11.84 28.42
N GLY A 184 58.25 -10.71 27.73
CA GLY A 184 59.21 -9.62 27.81
C GLY A 184 58.72 -8.40 27.08
N GLY A 185 59.40 -7.28 27.32
CA GLY A 185 59.11 -6.00 26.70
C GLY A 185 57.87 -5.34 27.27
N GLU A 186 57.01 -4.84 26.37
CA GLU A 186 55.80 -4.12 26.73
C GLU A 186 54.69 -5.01 27.29
N ARG A 187 53.83 -4.41 28.15
CA ARG A 187 52.67 -5.00 28.78
C ARG A 187 51.44 -4.22 28.26
N PHE A 188 50.59 -4.91 27.47
CA PHE A 188 49.40 -4.35 26.80
C PHE A 188 48.13 -4.47 27.64
N ASP A 189 47.23 -3.47 27.52
CA ASP A 189 45.95 -3.44 28.24
C ASP A 189 44.87 -4.39 27.68
N SER A 190 45.10 -4.92 26.47
CA SER A 190 44.19 -5.87 25.81
C SER A 190 44.97 -6.76 24.86
N LEU A 191 44.38 -7.92 24.51
CA LEU A 191 44.96 -8.85 23.55
C LEU A 191 45.02 -8.18 22.19
N THR A 192 44.06 -7.27 21.88
CA THR A 192 43.97 -6.48 20.64
C THR A 192 45.20 -5.59 20.49
N ASP A 193 45.55 -4.82 21.55
CA ASP A 193 46.74 -3.96 21.60
C ASP A 193 48.01 -4.77 21.36
N LEU A 194 48.13 -5.97 21.99
CA LEU A 194 49.26 -6.88 21.83
C LEU A 194 49.34 -7.38 20.38
N VAL A 195 48.21 -7.88 19.85
CA VAL A 195 48.08 -8.41 18.48
C VAL A 195 48.46 -7.35 17.46
N GLU A 196 47.87 -6.14 17.58
CA GLU A 196 48.15 -5.00 16.68
C GLU A 196 49.62 -4.59 16.72
N HIS A 197 50.23 -4.59 17.93
CA HIS A 197 51.64 -4.27 18.12
C HIS A 197 52.54 -5.30 17.41
N TYR A 198 52.26 -6.60 17.60
CA TYR A 198 53.08 -7.63 16.97
C TYR A 198 52.73 -7.85 15.50
N LYS A 199 51.64 -7.22 15.02
CA LYS A 199 51.25 -7.19 13.60
C LYS A 199 52.23 -6.22 12.89
N LYS A 200 52.39 -5.01 13.46
CA LYS A 200 53.26 -3.93 12.93
C LYS A 200 54.74 -4.20 13.23
N ASN A 201 55.04 -4.86 14.38
CA ASN A 201 56.40 -5.19 14.81
C ASN A 201 56.52 -6.72 15.00
N PRO A 202 56.79 -7.48 13.91
CA PRO A 202 56.81 -8.95 14.04
C PRO A 202 57.96 -9.51 14.86
N MET A 203 57.65 -10.49 15.72
CA MET A 203 58.61 -11.20 16.57
C MET A 203 59.53 -12.01 15.66
N VAL A 204 60.84 -11.93 15.90
CA VAL A 204 61.83 -12.66 15.10
C VAL A 204 62.40 -13.74 15.99
N GLU A 205 62.35 -15.00 15.51
CA GLU A 205 62.91 -16.13 16.25
C GLU A 205 64.43 -16.05 16.12
N THR A 206 65.14 -16.63 17.11
CA THR A 206 66.61 -16.68 17.20
C THR A 206 67.30 -16.96 15.85
N LEU A 207 66.82 -18.00 15.11
CA LEU A 207 67.39 -18.42 13.84
C LEU A 207 66.83 -17.68 12.60
N GLY A 208 66.08 -16.61 12.84
CA GLY A 208 65.60 -15.72 11.78
C GLY A 208 64.18 -15.78 11.26
N THR A 209 63.34 -16.74 11.75
CA THR A 209 61.94 -16.83 11.28
C THR A 209 61.15 -15.63 11.79
N VAL A 210 60.55 -14.86 10.87
CA VAL A 210 59.72 -13.70 11.17
C VAL A 210 58.30 -14.22 11.42
N LEU A 211 57.75 -13.97 12.62
CA LEU A 211 56.41 -14.43 12.98
C LEU A 211 55.32 -13.46 12.51
N GLN A 212 55.26 -13.33 11.18
CA GLN A 212 54.34 -12.48 10.42
C GLN A 212 52.89 -12.89 10.68
N LEU A 213 52.09 -11.97 11.23
CA LEU A 213 50.67 -12.19 11.51
C LEU A 213 49.93 -11.50 10.35
N LYS A 214 50.00 -12.10 9.16
CA LYS A 214 49.42 -11.59 7.92
C LYS A 214 47.90 -11.53 7.93
N GLN A 215 47.23 -12.64 8.25
CA GLN A 215 45.77 -12.67 8.30
C GLN A 215 45.21 -13.67 9.34
N PRO A 216 44.05 -13.40 9.96
CA PRO A 216 43.45 -14.37 10.89
C PRO A 216 43.10 -15.65 10.13
N LEU A 217 43.19 -16.81 10.80
CA LEU A 217 42.83 -18.07 10.17
C LEU A 217 41.31 -18.07 9.78
N ASN A 218 40.98 -18.51 8.55
CA ASN A 218 39.60 -18.53 8.11
C ASN A 218 38.88 -19.73 8.72
N THR A 219 37.80 -19.47 9.47
CA THR A 219 37.01 -20.54 10.07
C THR A 219 35.56 -20.47 9.63
N THR A 220 35.19 -19.47 8.79
CA THR A 220 33.83 -19.26 8.32
C THR A 220 33.53 -19.92 6.96
N ARG A 221 34.53 -20.01 6.07
CA ARG A 221 34.36 -20.70 4.78
C ARG A 221 33.99 -22.20 4.99
N ILE A 222 32.85 -22.61 4.45
CA ILE A 222 32.35 -23.98 4.55
C ILE A 222 32.19 -24.55 3.17
N ASN A 223 32.11 -25.89 3.10
CA ASN A 223 31.79 -26.58 1.87
C ASN A 223 30.26 -26.57 1.86
N ALA A 224 29.62 -26.18 0.73
CA ALA A 224 28.17 -26.05 0.61
C ALA A 224 27.38 -27.26 1.08
N ALA A 225 27.90 -28.47 0.82
CA ALA A 225 27.26 -29.72 1.25
C ALA A 225 27.26 -29.87 2.77
N GLU A 226 28.15 -29.14 3.50
CA GLU A 226 28.24 -29.19 4.97
C GLU A 226 27.56 -27.99 5.70
N ILE A 227 26.59 -27.30 5.03
CA ILE A 227 25.84 -26.16 5.60
C ILE A 227 24.99 -26.56 6.83
N GLU A 228 24.24 -27.70 6.77
CA GLU A 228 23.40 -28.16 7.88
C GLU A 228 24.21 -28.36 9.16
N SER A 229 25.48 -28.84 9.02
CA SER A 229 26.41 -29.03 10.14
C SER A 229 26.79 -27.67 10.74
N ARG A 230 27.20 -26.70 9.89
CA ARG A 230 27.54 -25.34 10.31
C ARG A 230 26.35 -24.62 10.97
N VAL A 231 25.12 -24.73 10.39
CA VAL A 231 23.90 -24.10 10.93
C VAL A 231 23.61 -24.64 12.34
N ARG A 232 23.82 -25.96 12.53
CA ARG A 232 23.69 -26.66 13.81
C ARG A 232 24.69 -26.13 14.86
N GLU A 233 25.99 -25.99 14.49
CA GLU A 233 27.03 -25.47 15.38
C GLU A 233 26.75 -23.99 15.70
N LEU A 234 26.30 -23.20 14.68
CA LEU A 234 25.97 -21.78 14.87
C LEU A 234 24.74 -21.59 15.72
N SER A 235 23.83 -22.59 15.77
CA SER A 235 22.62 -22.55 16.60
C SER A 235 22.94 -22.86 18.08
N LYS A 236 24.09 -23.51 18.37
CA LYS A 236 24.53 -23.79 19.75
C LYS A 236 24.87 -22.49 20.48
N LEU A 237 24.75 -22.50 21.83
CA LEU A 237 25.01 -21.34 22.69
C LEU A 237 26.50 -21.02 22.81
N GLN A 246 23.65 -17.19 20.77
CA GLN A 246 24.10 -18.28 19.90
C GLN A 246 25.36 -17.91 19.10
N GLY A 247 25.93 -18.93 18.44
CA GLY A 247 27.11 -18.79 17.59
C GLY A 247 26.89 -17.85 16.41
N PHE A 248 25.63 -17.76 15.94
CA PHE A 248 25.18 -16.87 14.86
C PHE A 248 25.39 -15.41 15.28
N TRP A 249 25.17 -15.08 16.58
CA TRP A 249 25.33 -13.75 17.16
C TRP A 249 26.81 -13.31 17.16
N GLU A 250 27.69 -14.21 17.63
CA GLU A 250 29.14 -13.98 17.72
C GLU A 250 29.77 -13.79 16.34
N GLU A 251 29.35 -14.60 15.35
CA GLU A 251 29.86 -14.50 13.99
C GLU A 251 29.40 -13.17 13.36
N PHE A 252 28.14 -12.78 13.57
CA PHE A 252 27.62 -11.52 13.05
C PHE A 252 28.29 -10.29 13.68
N GLU A 253 28.48 -10.29 15.02
CA GLU A 253 29.13 -9.15 15.69
C GLU A 253 30.60 -8.98 15.31
N THR A 254 31.26 -10.08 14.91
CA THR A 254 32.65 -10.05 14.42
C THR A 254 32.65 -9.36 13.05
N LEU A 255 31.60 -9.59 12.23
CA LEU A 255 31.42 -8.96 10.92
C LEU A 255 31.11 -7.46 11.13
N GLN A 256 30.33 -7.16 12.16
CA GLN A 256 29.99 -5.78 12.49
C GLN A 256 31.21 -4.96 12.87
N GLN A 257 32.19 -5.59 13.57
CA GLN A 257 33.43 -4.96 14.01
C GLN A 257 34.30 -4.51 12.84
N GLN A 258 34.12 -5.14 11.68
CA GLN A 258 34.87 -4.85 10.45
C GLN A 258 34.29 -3.69 9.60
N GLU A 259 33.15 -3.15 10.03
CA GLU A 259 32.49 -2.10 9.27
C GLU A 259 33.23 -0.74 9.32
N CYS A 260 34.13 -0.54 10.32
CA CYS A 260 34.96 0.65 10.49
C CYS A 260 36.01 0.80 9.36
N LYS A 261 36.22 -0.27 8.57
CA LYS A 261 37.12 -0.28 7.40
C LYS A 261 36.36 0.13 6.13
N LEU A 262 35.04 0.40 6.24
CA LEU A 262 34.22 0.70 5.05
C LEU A 262 33.63 2.13 5.08
N LEU A 263 34.33 3.05 5.74
CA LEU A 263 33.90 4.45 5.80
C LEU A 263 34.44 5.24 4.62
N TYR A 264 33.99 4.86 3.40
CA TYR A 264 34.35 5.51 2.14
C TYR A 264 33.56 6.79 1.95
N SER A 265 34.10 7.72 1.14
CA SER A 265 33.42 8.99 0.92
C SER A 265 32.05 8.85 0.29
N ARG A 266 31.13 9.64 0.83
CA ARG A 266 29.75 9.78 0.41
C ARG A 266 29.49 11.30 0.14
N LYS A 267 30.44 11.97 -0.55
CA LYS A 267 30.38 13.40 -0.84
C LYS A 267 29.25 13.85 -1.78
N GLU A 268 29.00 13.10 -2.88
CA GLU A 268 27.99 13.49 -3.86
C GLU A 268 26.59 13.58 -3.28
N GLY A 269 26.28 12.67 -2.36
CA GLY A 269 24.99 12.63 -1.67
C GLY A 269 24.77 13.77 -0.68
N GLN A 270 25.85 14.43 -0.29
CA GLN A 270 25.84 15.56 0.65
C GLN A 270 25.66 16.89 -0.06
N ARG A 271 25.87 16.97 -1.41
CA ARG A 271 25.70 18.22 -2.15
C ARG A 271 24.31 18.76 -1.93
N GLN A 272 24.20 20.10 -1.82
CA GLN A 272 22.94 20.84 -1.60
C GLN A 272 21.84 20.41 -2.54
N GLU A 273 22.20 20.27 -3.82
CA GLU A 273 21.31 19.93 -4.90
C GLU A 273 20.86 18.42 -4.91
N ASN A 274 21.49 17.58 -4.07
CA ASN A 274 21.23 16.13 -3.97
C ASN A 274 20.56 15.67 -2.68
N LYS A 275 20.46 16.58 -1.69
CA LYS A 275 19.90 16.30 -0.36
C LYS A 275 18.47 15.77 -0.41
N ASN A 276 17.59 16.43 -1.20
CA ASN A 276 16.20 16.03 -1.31
C ASN A 276 16.01 14.80 -2.23
N LYS A 277 17.12 14.25 -2.78
CA LYS A 277 17.09 13.05 -3.63
C LYS A 277 17.37 11.81 -2.78
N ASN A 278 17.58 12.00 -1.46
CA ASN A 278 17.82 10.89 -0.51
C ASN A 278 16.58 10.72 0.38
N ARG A 279 16.12 9.47 0.55
CA ARG A 279 14.95 9.13 1.37
C ARG A 279 15.31 9.42 2.84
N TYR A 280 16.54 9.07 3.22
CA TYR A 280 17.12 9.32 4.53
C TYR A 280 18.40 10.11 4.28
N LYS A 281 18.44 11.38 4.75
CA LYS A 281 19.57 12.31 4.61
C LYS A 281 20.96 11.73 4.91
N ASN A 282 21.06 10.83 5.90
CA ASN A 282 22.32 10.24 6.34
C ASN A 282 22.58 8.79 5.83
N ILE A 283 21.79 8.31 4.88
CA ILE A 283 22.02 6.99 4.27
C ILE A 283 22.32 7.33 2.82
N LEU A 284 23.62 7.38 2.51
CA LEU A 284 24.11 7.82 1.21
C LEU A 284 24.89 6.77 0.44
N PRO A 285 24.93 6.87 -0.92
CA PRO A 285 25.71 5.90 -1.71
C PRO A 285 27.24 6.21 -1.71
N PHE A 286 28.12 5.17 -1.68
CA PHE A 286 29.56 5.44 -1.78
C PHE A 286 29.79 6.07 -3.14
N ASP A 287 30.60 7.14 -3.20
CA ASP A 287 30.92 7.84 -4.47
C ASP A 287 31.56 6.89 -5.48
N HIS A 288 32.45 6.00 -5.04
CA HIS A 288 33.21 5.09 -5.92
C HIS A 288 32.39 3.99 -6.58
N THR A 289 31.13 3.73 -6.16
CA THR A 289 30.29 2.70 -6.76
C THR A 289 28.92 3.24 -7.18
N ARG A 290 28.59 4.52 -6.85
CA ARG A 290 27.31 5.12 -7.17
C ARG A 290 26.99 5.04 -8.65
N VAL A 291 25.70 4.95 -8.96
CA VAL A 291 25.29 4.94 -10.37
C VAL A 291 25.35 6.42 -10.83
N VAL A 292 26.18 6.74 -11.83
CA VAL A 292 26.31 8.10 -12.36
C VAL A 292 25.38 8.22 -13.56
N LEU A 293 24.48 9.22 -13.55
CA LEU A 293 23.53 9.40 -14.64
C LEU A 293 24.03 10.38 -15.66
N HIS A 294 24.02 9.97 -16.91
CA HIS A 294 24.44 10.79 -18.04
C HIS A 294 23.17 11.16 -18.82
N PRO A 301 21.84 20.93 -14.57
CA PRO A 301 22.66 21.65 -13.57
C PRO A 301 23.40 20.67 -12.66
N VAL A 302 22.68 19.62 -12.23
CA VAL A 302 23.11 18.49 -11.40
C VAL A 302 22.02 17.41 -11.65
N SER A 303 22.23 16.71 -12.76
CA SER A 303 21.33 15.69 -13.26
C SER A 303 21.95 14.28 -13.21
N ASP A 304 23.11 14.12 -12.53
CA ASP A 304 23.88 12.86 -12.50
C ASP A 304 23.70 12.00 -11.24
N TYR A 305 22.83 12.42 -10.32
CA TYR A 305 22.67 11.76 -9.05
C TYR A 305 21.40 10.96 -8.83
N ILE A 306 21.61 9.76 -8.26
CA ILE A 306 20.57 8.87 -7.74
C ILE A 306 21.16 8.14 -6.49
N ASN A 307 20.33 7.89 -5.47
CA ASN A 307 20.86 7.14 -4.31
C ASN A 307 20.76 5.66 -4.70
N ALA A 308 21.80 5.17 -5.41
CA ALA A 308 21.92 3.82 -5.93
C ALA A 308 23.40 3.48 -6.06
N ASN A 309 23.77 2.19 -5.92
CA ASN A 309 25.15 1.71 -6.14
C ASN A 309 25.22 0.45 -7.02
N ILE A 310 26.30 0.32 -7.84
CA ILE A 310 26.47 -0.93 -8.60
C ILE A 310 27.03 -1.96 -7.58
N ILE A 311 26.47 -3.18 -7.54
CA ILE A 311 26.99 -4.28 -6.69
C ILE A 311 27.50 -5.40 -7.63
N MET A 312 28.81 -5.64 -7.61
CA MET A 312 29.50 -6.67 -8.40
C MET A 312 29.82 -7.89 -7.53
N PRO A 313 29.37 -9.10 -7.89
CA PRO A 313 29.64 -10.28 -7.03
C PRO A 313 31.10 -10.72 -6.91
N LYS A 326 26.80 -11.78 -13.20
CA LYS A 326 25.55 -11.05 -12.94
C LYS A 326 25.70 -9.98 -11.87
N SER A 327 25.55 -8.71 -12.27
CA SER A 327 25.61 -7.51 -11.41
C SER A 327 24.21 -7.06 -10.91
N TYR A 328 24.21 -6.20 -9.89
CA TYR A 328 22.99 -5.64 -9.30
C TYR A 328 23.14 -4.13 -9.15
N ILE A 329 22.01 -3.48 -8.96
CA ILE A 329 21.94 -2.09 -8.58
C ILE A 329 21.12 -2.11 -7.30
N ALA A 330 21.70 -1.65 -6.21
CA ALA A 330 21.00 -1.59 -4.94
C ALA A 330 20.58 -0.13 -4.73
N THR A 331 19.27 0.11 -4.60
CA THR A 331 18.75 1.44 -4.51
C THR A 331 17.64 1.55 -3.48
N GLN A 332 17.31 2.78 -3.09
CA GLN A 332 16.25 3.12 -2.17
C GLN A 332 14.88 3.09 -2.92
N GLY A 333 13.79 3.10 -2.16
CA GLY A 333 12.47 3.25 -2.73
C GLY A 333 12.35 4.68 -3.24
N CYS A 334 11.81 4.85 -4.47
CA CYS A 334 11.59 6.15 -5.14
C CYS A 334 10.92 7.17 -4.27
N LEU A 335 11.27 8.43 -4.50
CA LEU A 335 10.59 9.58 -3.91
C LEU A 335 9.82 10.19 -5.10
N GLN A 336 8.75 10.97 -4.84
CA GLN A 336 8.01 11.62 -5.95
C GLN A 336 8.95 12.42 -6.87
N ASN A 337 9.99 13.02 -6.29
CA ASN A 337 10.98 13.79 -7.02
C ASN A 337 12.13 12.96 -7.60
N THR A 338 12.17 11.60 -7.39
CA THR A 338 13.25 10.79 -7.96
C THR A 338 12.77 9.72 -8.95
N VAL A 339 11.43 9.67 -9.22
CA VAL A 339 10.82 8.70 -10.13
C VAL A 339 11.41 8.83 -11.52
N ASN A 340 11.62 10.09 -11.99
CA ASN A 340 12.20 10.29 -13.30
C ASN A 340 13.65 9.80 -13.39
N ASP A 341 14.48 10.07 -12.35
CA ASP A 341 15.89 9.68 -12.21
C ASP A 341 15.98 8.14 -12.17
N PHE A 342 14.99 7.50 -11.52
CA PHE A 342 14.88 6.06 -11.43
C PHE A 342 14.74 5.43 -12.85
N TRP A 343 13.80 5.93 -13.70
CA TRP A 343 13.65 5.39 -15.06
C TRP A 343 14.86 5.68 -15.95
N ARG A 344 15.51 6.88 -15.81
CA ARG A 344 16.76 7.19 -16.53
C ARG A 344 17.86 6.16 -16.15
N MET A 345 17.92 5.75 -14.87
CA MET A 345 18.88 4.76 -14.41
C MET A 345 18.60 3.40 -15.05
N VAL A 346 17.33 2.94 -14.99
CA VAL A 346 16.91 1.67 -15.60
C VAL A 346 17.28 1.67 -17.08
N PHE A 347 16.93 2.75 -17.79
CA PHE A 347 17.22 2.83 -19.21
C PHE A 347 18.71 2.82 -19.55
N GLN A 348 19.51 3.71 -18.91
CA GLN A 348 20.96 3.81 -19.13
C GLN A 348 21.74 2.47 -18.87
N GLU A 349 21.34 1.74 -17.82
CA GLU A 349 21.98 0.52 -17.38
C GLU A 349 21.55 -0.72 -18.13
N ASN A 350 20.51 -0.60 -18.96
CA ASN A 350 19.94 -1.68 -19.77
C ASN A 350 19.35 -2.78 -18.89
N SER A 351 18.91 -2.42 -17.67
CA SER A 351 18.27 -3.34 -16.72
C SER A 351 16.91 -3.77 -17.27
N ARG A 352 16.61 -5.07 -17.11
CA ARG A 352 15.41 -5.70 -17.64
C ARG A 352 14.60 -6.31 -16.55
N VAL A 353 15.16 -6.35 -15.31
CA VAL A 353 14.53 -6.96 -14.14
C VAL A 353 14.69 -6.00 -12.93
N ILE A 354 13.58 -5.75 -12.21
CA ILE A 354 13.51 -4.92 -11.02
C ILE A 354 12.91 -5.83 -9.92
N VAL A 355 13.55 -5.84 -8.75
CA VAL A 355 13.10 -6.60 -7.60
C VAL A 355 12.72 -5.58 -6.53
N MET A 356 11.43 -5.52 -6.20
CA MET A 356 10.89 -4.66 -5.17
C MET A 356 10.58 -5.56 -3.96
N THR A 357 11.25 -5.33 -2.84
CA THR A 357 11.10 -6.19 -1.64
C THR A 357 10.28 -5.52 -0.52
N THR A 358 9.54 -4.48 -0.85
CA THR A 358 8.70 -3.78 0.11
C THR A 358 7.32 -3.51 -0.50
N LYS A 359 6.31 -3.27 0.37
CA LYS A 359 4.98 -2.79 -0.04
C LYS A 359 5.18 -1.28 -0.20
N GLU A 360 4.32 -0.61 -0.97
CA GLU A 360 4.42 0.87 -1.13
C GLU A 360 4.32 1.59 0.24
N VAL A 361 3.40 1.10 1.10
CA VAL A 361 3.11 1.62 2.42
C VAL A 361 3.25 0.49 3.45
N GLU A 362 3.99 0.76 4.54
CA GLU A 362 4.18 -0.18 5.66
C GLU A 362 4.05 0.61 6.96
N ARG A 363 3.21 0.08 7.89
CA ARG A 363 2.92 0.67 9.21
C ARG A 363 2.40 2.11 9.07
N GLY A 364 1.59 2.33 8.04
CA GLY A 364 1.04 3.64 7.69
C GLY A 364 2.07 4.61 7.13
N LYS A 365 3.28 4.12 6.79
CA LYS A 365 4.34 5.00 6.27
C LYS A 365 4.76 4.68 4.82
N SER A 366 4.93 5.70 4.00
CA SER A 366 5.36 5.52 2.61
C SER A 366 6.81 4.99 2.55
N LYS A 367 7.00 3.82 1.92
CA LYS A 367 8.32 3.16 1.78
C LYS A 367 8.94 3.35 0.38
N CYS A 368 8.09 3.46 -0.65
CA CYS A 368 8.45 3.63 -2.06
C CYS A 368 7.21 4.17 -2.76
N VAL A 369 7.36 5.22 -3.55
CA VAL A 369 6.19 5.71 -4.30
C VAL A 369 5.91 4.73 -5.48
N LYS A 370 4.66 4.72 -5.99
CA LYS A 370 4.26 3.94 -7.15
C LYS A 370 4.91 4.61 -8.37
N TYR A 371 5.97 4.00 -8.89
CA TYR A 371 6.75 4.53 -10.01
C TYR A 371 6.36 3.83 -11.32
N TRP A 372 5.37 2.97 -11.26
CA TRP A 372 4.89 2.25 -12.45
C TRP A 372 3.43 2.65 -12.78
N PRO A 373 2.99 2.62 -14.06
CA PRO A 373 1.57 2.90 -14.34
C PRO A 373 0.65 1.77 -13.89
N ASP A 374 -0.69 2.06 -13.82
CA ASP A 374 -1.72 1.04 -13.55
C ASP A 374 -1.72 0.04 -14.72
N GLU A 375 -2.25 -1.17 -14.50
CA GLU A 375 -2.30 -2.21 -15.55
C GLU A 375 -2.99 -1.68 -16.80
N TYR A 376 -2.37 -1.94 -17.98
CA TYR A 376 -2.81 -1.54 -19.32
C TYR A 376 -2.60 -0.01 -19.62
N ALA A 377 -2.18 0.78 -18.61
CA ALA A 377 -1.94 2.22 -18.80
C ALA A 377 -0.52 2.54 -19.31
N LEU A 378 -0.39 3.75 -19.88
CA LEU A 378 0.83 4.32 -20.42
C LEU A 378 1.10 5.65 -19.69
N LYS A 379 2.36 5.88 -19.29
CA LYS A 379 2.78 7.07 -18.58
C LYS A 379 4.15 7.54 -19.02
N GLU A 380 4.35 8.86 -19.04
CA GLU A 380 5.62 9.48 -19.32
C GLU A 380 6.18 9.99 -17.99
N TYR A 381 7.45 9.66 -17.71
CA TYR A 381 8.20 10.05 -16.53
C TYR A 381 9.40 10.76 -17.09
N GLY A 382 9.22 12.05 -17.34
CA GLY A 382 10.22 12.88 -18.01
C GLY A 382 10.34 12.42 -19.44
N VAL A 383 11.59 12.15 -19.88
CA VAL A 383 11.95 11.66 -21.21
C VAL A 383 11.62 10.16 -21.42
N MET A 384 11.22 9.45 -20.36
CA MET A 384 10.97 8.02 -20.43
C MET A 384 9.50 7.70 -20.45
N ARG A 385 9.13 6.69 -21.22
CA ARG A 385 7.75 6.24 -21.40
C ARG A 385 7.66 4.82 -20.92
N VAL A 386 6.66 4.57 -20.08
CA VAL A 386 6.42 3.24 -19.53
C VAL A 386 4.98 2.83 -19.77
N ARG A 387 4.80 1.62 -20.33
CA ARG A 387 3.51 0.98 -20.44
C ARG A 387 3.51 -0.22 -19.51
N ASN A 388 2.44 -0.43 -18.73
CA ASN A 388 2.28 -1.63 -17.92
C ASN A 388 1.39 -2.49 -18.80
N VAL A 389 1.98 -3.52 -19.41
CA VAL A 389 1.37 -4.44 -20.36
C VAL A 389 0.43 -5.43 -19.68
N LYS A 390 0.89 -6.07 -18.57
CA LYS A 390 0.18 -7.11 -17.86
C LYS A 390 0.76 -7.29 -16.43
N GLU A 391 -0.12 -7.63 -15.47
CA GLU A 391 0.22 -7.92 -14.07
C GLU A 391 -0.23 -9.33 -13.78
N SER A 392 0.63 -10.13 -13.15
CA SER A 392 0.34 -11.53 -12.78
C SER A 392 0.53 -11.65 -11.30
N ALA A 393 -0.46 -12.19 -10.60
CA ALA A 393 -0.39 -12.38 -9.14
C ALA A 393 -0.02 -13.81 -8.79
N ALA A 394 0.94 -13.96 -7.89
CA ALA A 394 1.36 -15.23 -7.31
C ALA A 394 1.20 -15.05 -5.79
N HIS A 395 1.37 -16.12 -5.01
CA HIS A 395 1.16 -16.09 -3.55
C HIS A 395 2.00 -15.02 -2.79
N ASP A 396 3.33 -14.99 -3.00
CA ASP A 396 4.25 -14.08 -2.31
C ASP A 396 4.60 -12.82 -3.08
N TYR A 397 4.24 -12.76 -4.37
CA TYR A 397 4.63 -11.65 -5.23
C TYR A 397 3.69 -11.36 -6.38
N THR A 398 3.92 -10.19 -6.99
CA THR A 398 3.21 -9.73 -8.18
C THR A 398 4.27 -9.48 -9.25
N LEU A 399 4.03 -9.94 -10.48
CA LEU A 399 4.89 -9.69 -11.60
C LEU A 399 4.20 -8.67 -12.50
N ARG A 400 4.87 -7.57 -12.84
CA ARG A 400 4.39 -6.54 -13.77
C ARG A 400 5.32 -6.51 -14.99
N GLU A 401 4.73 -6.72 -16.17
CA GLU A 401 5.48 -6.67 -17.41
C GLU A 401 5.33 -5.22 -17.90
N LEU A 402 6.43 -4.47 -17.86
CA LEU A 402 6.50 -3.06 -18.25
C LEU A 402 7.27 -2.92 -19.54
N LYS A 403 6.93 -1.92 -20.35
CA LYS A 403 7.64 -1.60 -21.59
C LYS A 403 8.20 -0.20 -21.45
N LEU A 404 9.54 -0.09 -21.50
CA LEU A 404 10.30 1.13 -21.32
C LEU A 404 10.93 1.57 -22.62
N SER A 405 10.80 2.86 -22.90
CA SER A 405 11.38 3.47 -24.10
C SER A 405 11.59 4.94 -23.83
N LYS A 406 12.48 5.55 -24.61
CA LYS A 406 12.75 6.96 -24.52
C LYS A 406 11.78 7.68 -25.49
N VAL A 407 11.11 8.74 -25.01
CA VAL A 407 10.16 9.55 -25.80
C VAL A 407 10.87 10.09 -27.07
N GLY A 408 10.20 9.99 -28.21
CA GLY A 408 10.75 10.42 -29.50
C GLY A 408 11.58 9.38 -30.22
N GLN A 409 11.87 8.23 -29.56
CA GLN A 409 12.66 7.13 -30.13
C GLN A 409 12.03 5.75 -29.86
N GLY A 410 11.17 5.29 -30.77
CA GLY A 410 10.47 4.02 -30.65
C GLY A 410 11.35 2.78 -30.59
N ASN A 411 12.42 2.75 -31.42
CA ASN A 411 13.37 1.63 -31.51
C ASN A 411 14.16 1.33 -30.19
N THR A 412 14.04 2.21 -29.17
CA THR A 412 14.72 2.07 -27.87
C THR A 412 13.94 1.20 -26.87
N GLU A 413 12.72 0.77 -27.25
CA GLU A 413 11.84 -0.03 -26.41
C GLU A 413 12.43 -1.37 -25.95
N ARG A 414 12.26 -1.73 -24.65
CA ARG A 414 12.65 -2.99 -24.04
C ARG A 414 11.64 -3.35 -22.96
N THR A 415 11.45 -4.66 -22.73
CA THR A 415 10.54 -5.11 -21.69
C THR A 415 11.33 -5.13 -20.39
N VAL A 416 10.76 -4.49 -19.34
CA VAL A 416 11.30 -4.48 -17.98
C VAL A 416 10.31 -5.29 -17.08
N TRP A 417 10.81 -6.36 -16.47
CA TRP A 417 10.02 -7.24 -15.61
C TRP A 417 10.16 -6.82 -14.17
N GLN A 418 9.04 -6.46 -13.54
CA GLN A 418 9.08 -5.99 -12.18
C GLN A 418 8.51 -7.03 -11.28
N TYR A 419 9.34 -7.54 -10.39
CA TYR A 419 8.99 -8.57 -9.41
C TYR A 419 8.81 -7.92 -8.08
N HIS A 420 7.58 -7.82 -7.67
CA HIS A 420 7.23 -7.16 -6.43
C HIS A 420 6.91 -8.19 -5.31
N PHE A 421 7.86 -8.43 -4.40
CA PHE A 421 7.66 -9.32 -3.24
C PHE A 421 6.77 -8.58 -2.24
N ARG A 422 5.59 -9.12 -1.94
CA ARG A 422 4.64 -8.42 -1.07
C ARG A 422 4.42 -9.02 0.31
N THR A 423 4.99 -10.20 0.60
CA THR A 423 4.66 -10.86 1.89
C THR A 423 5.75 -10.78 2.96
N TRP A 424 6.81 -9.94 2.77
CA TRP A 424 7.86 -9.79 3.77
C TRP A 424 7.25 -9.10 5.03
N PRO A 425 7.49 -9.64 6.25
CA PRO A 425 6.89 -9.00 7.45
C PRO A 425 7.34 -7.55 7.69
N ASP A 426 6.52 -6.77 8.44
CA ASP A 426 6.85 -5.37 8.78
C ASP A 426 8.15 -5.27 9.59
N HIS A 427 8.37 -6.22 10.51
CA HIS A 427 9.56 -6.34 11.36
C HIS A 427 10.10 -7.75 11.25
N GLY A 428 11.42 -7.88 11.34
CA GLY A 428 12.10 -9.16 11.26
C GLY A 428 12.15 -9.76 9.87
N VAL A 429 12.15 -11.09 9.81
CA VAL A 429 12.30 -11.84 8.56
C VAL A 429 11.25 -12.92 8.44
N PRO A 430 10.98 -13.49 7.24
CA PRO A 430 10.03 -14.61 7.17
C PRO A 430 10.50 -15.80 8.02
N SER A 431 9.55 -16.56 8.60
CA SER A 431 9.87 -17.74 9.41
C SER A 431 10.37 -18.89 8.53
N ASP A 432 10.02 -18.91 7.22
CA ASP A 432 10.47 -19.94 6.27
C ASP A 432 11.07 -19.27 5.02
N PRO A 433 12.25 -19.73 4.51
CA PRO A 433 12.85 -19.10 3.31
C PRO A 433 12.33 -19.56 1.94
N GLY A 434 11.49 -20.60 1.91
CA GLY A 434 10.94 -21.19 0.68
C GLY A 434 10.32 -20.19 -0.29
N GLY A 435 9.54 -19.25 0.24
CA GLY A 435 8.88 -18.20 -0.50
C GLY A 435 9.84 -17.27 -1.22
N VAL A 436 10.89 -16.79 -0.49
CA VAL A 436 11.98 -15.95 -0.98
C VAL A 436 12.79 -16.71 -2.03
N LEU A 437 13.08 -18.01 -1.74
CA LEU A 437 13.88 -18.88 -2.64
C LEU A 437 13.20 -19.13 -3.96
N ASP A 438 11.87 -19.41 -3.97
CA ASP A 438 11.06 -19.64 -5.19
C ASP A 438 11.04 -18.35 -6.02
N PHE A 439 10.90 -17.20 -5.34
CA PHE A 439 10.92 -15.85 -5.93
C PHE A 439 12.28 -15.57 -6.62
N LEU A 440 13.42 -15.77 -5.90
CA LEU A 440 14.78 -15.55 -6.46
C LEU A 440 15.05 -16.46 -7.64
N GLU A 441 14.51 -17.70 -7.60
CA GLU A 441 14.66 -18.68 -8.68
C GLU A 441 14.04 -18.15 -9.97
N GLU A 442 12.81 -17.62 -9.88
CA GLU A 442 12.08 -17.04 -11.02
C GLU A 442 12.77 -15.80 -11.61
N VAL A 443 13.24 -14.89 -10.72
CA VAL A 443 13.96 -13.66 -11.05
C VAL A 443 15.25 -14.04 -11.80
N HIS A 444 15.97 -15.03 -11.29
CA HIS A 444 17.18 -15.54 -11.88
C HIS A 444 16.92 -16.09 -13.28
N HIS A 445 15.84 -16.88 -13.45
CA HIS A 445 15.50 -17.47 -14.76
C HIS A 445 15.06 -16.44 -15.78
N LYS A 446 14.35 -15.35 -15.36
CA LYS A 446 13.96 -14.26 -16.25
C LYS A 446 15.21 -13.58 -16.77
N GLN A 447 16.08 -13.10 -15.86
CA GLN A 447 17.36 -12.45 -16.12
C GLN A 447 18.22 -13.29 -17.09
N GLU A 448 18.37 -14.59 -16.79
CA GLU A 448 19.17 -15.51 -17.60
C GLU A 448 18.65 -15.70 -19.04
N SER A 449 17.33 -15.58 -19.28
CA SER A 449 16.66 -15.72 -20.60
C SER A 449 16.82 -14.50 -21.51
N ILE A 450 17.23 -13.35 -20.95
CA ILE A 450 17.37 -12.10 -21.69
C ILE A 450 18.83 -11.83 -22.05
N MET A 451 19.14 -11.87 -23.35
CA MET A 451 20.48 -11.66 -23.91
C MET A 451 20.96 -10.23 -23.66
N ASP A 452 22.17 -10.10 -23.08
CA ASP A 452 22.89 -8.87 -22.74
C ASP A 452 22.07 -7.89 -21.84
N ALA A 453 21.29 -8.45 -20.92
CA ALA A 453 20.50 -7.72 -19.95
C ALA A 453 21.50 -7.07 -18.96
N GLY A 454 21.22 -5.84 -18.55
CA GLY A 454 22.02 -5.11 -17.58
C GLY A 454 21.88 -5.62 -16.16
N PRO A 455 22.42 -4.90 -15.13
CA PRO A 455 22.30 -5.40 -13.75
C PRO A 455 20.86 -5.49 -13.30
N VAL A 456 20.55 -6.36 -12.32
CA VAL A 456 19.20 -6.51 -11.76
C VAL A 456 18.97 -5.35 -10.77
N VAL A 457 17.85 -4.61 -10.86
CA VAL A 457 17.58 -3.51 -9.93
C VAL A 457 16.92 -4.05 -8.66
N VAL A 458 17.50 -3.83 -7.51
CA VAL A 458 16.93 -4.30 -6.25
C VAL A 458 16.71 -3.10 -5.33
N HIS A 459 15.51 -2.96 -4.78
CA HIS A 459 15.15 -1.91 -3.85
C HIS A 459 14.12 -2.33 -2.82
N CYS A 460 14.21 -1.73 -1.64
CA CYS A 460 13.27 -1.82 -0.52
C CYS A 460 13.02 -0.33 -0.13
N SER A 461 13.15 0.09 1.14
CA SER A 461 12.97 1.49 1.60
C SER A 461 14.30 2.28 1.52
N ALA A 462 15.27 1.95 2.42
CA ALA A 462 16.59 2.60 2.42
C ALA A 462 17.54 1.91 1.42
N GLY A 463 17.18 0.69 1.00
CA GLY A 463 17.95 -0.06 0.02
C GLY A 463 19.20 -0.72 0.58
N ILE A 464 19.16 -1.12 1.83
CA ILE A 464 20.34 -1.73 2.46
C ILE A 464 20.02 -3.00 3.23
N GLY A 465 18.85 -3.08 3.87
CA GLY A 465 18.50 -4.24 4.71
C GLY A 465 18.02 -5.44 3.95
N ARG A 466 16.76 -5.37 3.52
CA ARG A 466 16.09 -6.40 2.70
C ARG A 466 16.79 -6.48 1.34
N THR A 467 17.27 -5.33 0.83
CA THR A 467 18.00 -5.29 -0.45
C THR A 467 19.31 -6.10 -0.36
N GLY A 468 20.07 -5.88 0.71
CA GLY A 468 21.33 -6.58 0.94
C GLY A 468 21.10 -8.05 1.15
N THR A 469 20.05 -8.38 1.90
CA THR A 469 19.63 -9.77 2.17
C THR A 469 19.26 -10.52 0.89
N PHE A 470 18.39 -9.95 0.02
CA PHE A 470 18.03 -10.61 -1.25
C PHE A 470 19.26 -10.79 -2.16
N ILE A 471 20.10 -9.75 -2.33
CA ILE A 471 21.33 -9.77 -3.16
C ILE A 471 22.35 -10.83 -2.70
N VAL A 472 22.64 -10.88 -1.38
CA VAL A 472 23.60 -11.82 -0.81
C VAL A 472 23.15 -13.27 -1.02
N ILE A 473 21.84 -13.57 -0.77
CA ILE A 473 21.25 -14.87 -1.00
C ILE A 473 21.40 -15.21 -2.47
N ASP A 474 21.09 -14.24 -3.35
CA ASP A 474 21.21 -14.47 -4.78
C ASP A 474 22.65 -14.75 -5.22
N ILE A 475 23.67 -14.11 -4.59
CA ILE A 475 25.10 -14.32 -4.91
C ILE A 475 25.53 -15.74 -4.50
N LEU A 476 25.19 -16.15 -3.27
CA LEU A 476 25.53 -17.43 -2.66
C LEU A 476 24.95 -18.62 -3.39
N ILE A 477 23.66 -18.53 -3.74
CA ILE A 477 22.96 -19.56 -4.50
C ILE A 477 23.51 -19.68 -5.91
N ASP A 478 23.96 -18.56 -6.49
CA ASP A 478 24.53 -18.56 -7.84
C ASP A 478 25.82 -19.38 -7.91
N ILE A 479 26.66 -19.36 -6.85
CA ILE A 479 27.89 -20.14 -6.76
C ILE A 479 27.49 -21.64 -6.78
N ILE A 480 26.46 -22.02 -6.01
CA ILE A 480 25.93 -23.38 -5.89
C ILE A 480 25.25 -23.84 -7.21
N ARG A 481 24.86 -22.89 -8.10
CA ARG A 481 24.25 -23.22 -9.40
C ARG A 481 25.34 -23.59 -10.41
N GLU A 482 26.39 -22.74 -10.47
CA GLU A 482 27.55 -22.86 -11.34
C GLU A 482 28.50 -23.99 -10.94
N LYS A 483 28.91 -24.03 -9.65
CA LYS A 483 29.89 -24.98 -9.12
C LYS A 483 29.33 -26.22 -8.42
N GLY A 484 28.01 -26.30 -8.24
CA GLY A 484 27.36 -27.45 -7.61
C GLY A 484 27.56 -27.55 -6.11
N VAL A 485 26.93 -28.57 -5.45
CA VAL A 485 27.02 -28.86 -4.01
C VAL A 485 28.51 -28.89 -3.50
N ASP A 486 29.48 -29.30 -4.35
CA ASP A 486 30.91 -29.33 -4.00
C ASP A 486 31.57 -27.99 -4.32
N CYS A 487 31.25 -26.97 -3.51
CA CYS A 487 31.80 -25.61 -3.62
C CYS A 487 31.97 -25.01 -2.25
N ASP A 488 32.89 -24.05 -2.12
CA ASP A 488 33.17 -23.35 -0.87
C ASP A 488 32.38 -22.04 -0.80
N ILE A 489 31.59 -21.86 0.27
CA ILE A 489 30.88 -20.61 0.47
C ILE A 489 31.33 -19.99 1.79
N ASP A 490 31.49 -18.66 1.79
CA ASP A 490 31.92 -17.90 2.96
C ASP A 490 30.92 -16.72 3.12
N VAL A 491 29.88 -16.90 3.95
CA VAL A 491 28.78 -15.94 4.14
C VAL A 491 29.30 -14.54 4.57
N PRO A 492 30.09 -14.39 5.70
CA PRO A 492 30.55 -13.04 6.09
C PRO A 492 31.52 -12.45 5.08
N LYS A 493 32.25 -13.29 4.33
CA LYS A 493 33.14 -12.76 3.30
C LYS A 493 32.31 -12.18 2.19
N THR A 494 31.19 -12.85 1.83
CA THR A 494 30.32 -12.36 0.77
C THR A 494 29.68 -11.03 1.19
N ILE A 495 29.22 -10.94 2.44
CA ILE A 495 28.60 -9.74 2.97
C ILE A 495 29.62 -8.57 3.01
N GLN A 496 30.85 -8.77 3.58
CA GLN A 496 31.89 -7.70 3.66
C GLN A 496 32.16 -7.09 2.28
N MET A 497 32.19 -7.93 1.25
CA MET A 497 32.40 -7.59 -0.17
C MET A 497 31.21 -6.71 -0.73
N VAL A 498 29.97 -7.05 -0.38
CA VAL A 498 28.79 -6.29 -0.82
C VAL A 498 28.74 -4.93 -0.10
N ARG A 499 29.09 -4.94 1.18
CA ARG A 499 29.16 -3.80 2.10
C ARG A 499 30.22 -2.76 1.75
N SER A 500 31.23 -3.12 0.95
CA SER A 500 32.25 -2.16 0.51
C SER A 500 31.74 -1.45 -0.77
N GLN A 501 30.61 -1.92 -1.28
CA GLN A 501 29.99 -1.39 -2.49
C GLN A 501 28.74 -0.54 -2.16
N ARG A 502 28.13 -0.74 -0.99
CA ARG A 502 26.99 0.04 -0.46
C ARG A 502 26.97 -0.16 1.04
N SER A 503 26.86 0.92 1.80
CA SER A 503 26.85 0.92 3.27
C SER A 503 25.77 0.06 3.88
N GLY A 504 26.10 -0.66 4.95
CA GLY A 504 25.18 -1.48 5.73
C GLY A 504 24.34 -2.50 5.01
N MET A 505 24.81 -3.04 3.88
CA MET A 505 24.09 -4.10 3.17
C MET A 505 24.00 -5.31 4.13
N VAL A 506 22.75 -5.77 4.47
CA VAL A 506 22.44 -6.81 5.49
C VAL A 506 22.54 -6.04 6.82
N GLN A 507 21.40 -5.72 7.41
CA GLN A 507 21.28 -4.90 8.62
C GLN A 507 21.29 -5.63 9.95
N THR A 508 20.63 -6.78 10.02
CA THR A 508 20.47 -7.43 11.33
C THR A 508 20.94 -8.86 11.37
N GLU A 509 21.03 -9.37 12.61
CA GLU A 509 21.45 -10.70 12.92
C GLU A 509 20.37 -11.68 12.43
N ALA A 510 19.08 -11.22 12.48
CA ALA A 510 17.93 -12.00 12.02
C ALA A 510 18.05 -12.21 10.51
N GLN A 511 18.46 -11.15 9.75
CA GLN A 511 18.70 -11.25 8.30
C GLN A 511 19.87 -12.16 8.02
N TYR A 512 20.94 -12.03 8.81
CA TYR A 512 22.16 -12.85 8.72
C TYR A 512 21.84 -14.32 8.86
N ARG A 513 21.06 -14.67 9.88
CA ARG A 513 20.61 -16.04 10.11
C ARG A 513 19.68 -16.49 8.96
N PHE A 514 18.84 -15.58 8.44
CA PHE A 514 17.95 -15.88 7.31
C PHE A 514 18.72 -16.29 6.07
N ILE A 515 19.86 -15.61 5.81
CA ILE A 515 20.76 -15.94 4.69
C ILE A 515 21.26 -17.40 4.85
N TYR A 516 21.70 -17.80 6.07
CA TYR A 516 22.14 -19.18 6.28
C TYR A 516 21.02 -20.17 6.03
N MET A 517 19.80 -19.88 6.57
CA MET A 517 18.61 -20.71 6.41
C MET A 517 18.20 -20.87 4.96
N ALA A 518 18.33 -19.80 4.17
CA ALA A 518 17.99 -19.81 2.75
C ALA A 518 18.94 -20.68 1.94
N VAL A 519 20.26 -20.54 2.16
CA VAL A 519 21.30 -21.35 1.52
C VAL A 519 21.09 -22.86 1.87
N GLN A 520 20.86 -23.16 3.17
CA GLN A 520 20.60 -24.50 3.69
C GLN A 520 19.42 -25.17 2.95
N HIS A 521 18.31 -24.43 2.82
CA HIS A 521 17.08 -24.84 2.15
C HIS A 521 17.31 -25.11 0.65
N TYR A 522 18.07 -24.23 -0.02
CA TYR A 522 18.40 -24.40 -1.44
C TYR A 522 19.18 -25.70 -1.71
N ILE A 523 20.18 -26.01 -0.83
CA ILE A 523 21.02 -27.20 -0.88
C ILE A 523 20.19 -28.46 -0.54
N GLU A 524 19.26 -28.34 0.41
CA GLU A 524 18.35 -29.44 0.82
C GLU A 524 17.38 -29.84 -0.30
N THR A 525 17.02 -28.90 -1.21
CA THR A 525 16.09 -29.17 -2.33
C THR A 525 16.85 -29.47 -3.64
N LEU A 526 18.17 -29.69 -3.54
CA LEU A 526 19.04 -30.02 -4.68
C LEU A 526 19.09 -31.54 -4.92
N ARG B 5 -38.23 4.97 -16.54
CA ARG B 5 -36.90 5.36 -17.05
C ARG B 5 -36.67 4.81 -18.46
N ARG B 6 -37.77 4.56 -19.22
CA ARG B 6 -37.74 4.01 -20.58
C ARG B 6 -36.91 4.84 -21.59
N TRP B 7 -36.68 6.15 -21.29
CA TRP B 7 -35.92 7.08 -22.14
C TRP B 7 -34.42 6.74 -22.20
N PHE B 8 -33.89 5.90 -21.28
CA PHE B 8 -32.47 5.52 -21.32
C PHE B 8 -32.30 4.25 -22.17
N HIS B 9 -31.48 4.35 -23.24
CA HIS B 9 -31.20 3.25 -24.18
C HIS B 9 -29.75 2.78 -23.92
N PRO B 10 -29.55 1.64 -23.22
CA PRO B 10 -28.18 1.20 -22.88
C PRO B 10 -27.25 0.78 -24.02
N ASN B 11 -27.79 0.19 -25.10
CA ASN B 11 -26.97 -0.41 -26.16
C ASN B 11 -27.00 0.30 -27.53
N ILE B 12 -27.41 1.57 -27.59
CA ILE B 12 -27.43 2.28 -28.87
C ILE B 12 -26.26 3.24 -29.06
N THR B 13 -25.94 3.50 -30.34
CA THR B 13 -24.87 4.41 -30.78
C THR B 13 -25.50 5.77 -31.12
N GLY B 14 -24.64 6.75 -31.38
CA GLY B 14 -25.03 8.09 -31.77
C GLY B 14 -25.84 8.11 -33.06
N VAL B 15 -25.40 7.32 -34.06
CA VAL B 15 -26.06 7.18 -35.37
C VAL B 15 -27.46 6.56 -35.19
N GLU B 16 -27.55 5.43 -34.44
CA GLU B 16 -28.79 4.72 -34.10
C GLU B 16 -29.79 5.63 -33.35
N ALA B 17 -29.30 6.47 -32.40
CA ALA B 17 -30.12 7.42 -31.63
C ALA B 17 -30.77 8.44 -32.54
N GLU B 18 -29.93 9.10 -33.36
CA GLU B 18 -30.25 10.12 -34.36
C GLU B 18 -31.38 9.63 -35.29
N ASN B 19 -31.21 8.45 -35.92
CA ASN B 19 -32.21 7.84 -36.80
C ASN B 19 -33.51 7.54 -36.08
N LEU B 20 -33.43 6.97 -34.86
CA LEU B 20 -34.59 6.65 -34.02
C LEU B 20 -35.41 7.91 -33.68
N LEU B 21 -34.73 9.04 -33.40
CA LEU B 21 -35.39 10.30 -33.10
C LEU B 21 -36.00 10.93 -34.34
N LEU B 22 -35.36 10.74 -35.52
CA LEU B 22 -35.84 11.33 -36.79
C LEU B 22 -36.98 10.54 -37.40
N THR B 23 -36.94 9.21 -37.27
CA THR B 23 -37.97 8.34 -37.84
C THR B 23 -39.14 8.04 -36.89
N ARG B 24 -38.88 7.92 -35.56
CA ARG B 24 -39.92 7.55 -34.58
C ARG B 24 -40.26 8.64 -33.54
N GLY B 25 -39.58 9.77 -33.60
CA GLY B 25 -39.82 10.88 -32.68
C GLY B 25 -40.27 12.15 -33.36
N VAL B 26 -40.51 13.18 -32.55
CA VAL B 26 -40.93 14.50 -33.00
C VAL B 26 -40.08 15.59 -32.32
N ASP B 27 -40.32 16.88 -32.61
CA ASP B 27 -39.60 17.97 -31.98
C ASP B 27 -39.97 17.96 -30.49
N GLY B 28 -38.96 17.83 -29.64
CA GLY B 28 -39.14 17.73 -28.20
C GLY B 28 -38.90 16.32 -27.71
N SER B 29 -38.81 15.37 -28.67
CA SER B 29 -38.50 13.98 -28.36
C SER B 29 -37.05 13.87 -27.89
N PHE B 30 -36.81 12.96 -26.93
CA PHE B 30 -35.47 12.79 -26.38
C PHE B 30 -35.22 11.41 -25.82
N LEU B 31 -33.93 11.10 -25.66
CA LEU B 31 -33.42 9.90 -25.06
C LEU B 31 -32.03 10.21 -24.47
N ALA B 32 -31.59 9.34 -23.55
CA ALA B 32 -30.28 9.40 -22.94
C ALA B 32 -29.64 8.04 -23.18
N ARG B 33 -28.34 8.02 -23.42
CA ARG B 33 -27.62 6.80 -23.74
C ARG B 33 -26.14 6.90 -23.27
N PRO B 34 -25.38 5.78 -23.16
CA PRO B 34 -23.96 5.91 -22.77
C PRO B 34 -23.14 6.50 -23.93
N SER B 35 -22.09 7.25 -23.61
CA SER B 35 -21.16 7.78 -24.62
C SER B 35 -20.28 6.62 -25.11
N LYS B 36 -20.21 6.43 -26.44
CA LYS B 36 -19.38 5.38 -27.04
C LYS B 36 -17.95 5.90 -27.23
N SER B 37 -17.81 7.21 -27.50
CA SER B 37 -16.54 7.87 -27.70
C SER B 37 -15.77 8.04 -26.39
N ASN B 38 -16.47 8.47 -25.30
CA ASN B 38 -15.86 8.61 -23.97
C ASN B 38 -16.53 7.68 -22.96
N PRO B 39 -16.15 6.36 -22.92
CA PRO B 39 -16.78 5.43 -21.97
C PRO B 39 -16.78 5.95 -20.52
N GLY B 40 -17.96 5.88 -19.90
CA GLY B 40 -18.19 6.41 -18.57
C GLY B 40 -19.07 7.64 -18.63
N ASP B 41 -19.05 8.36 -19.77
CA ASP B 41 -19.90 9.53 -19.97
C ASP B 41 -21.26 9.14 -20.54
N PHE B 42 -22.14 10.14 -20.66
CA PHE B 42 -23.49 9.93 -21.16
C PHE B 42 -23.82 11.02 -22.12
N THR B 43 -24.81 10.75 -22.97
CA THR B 43 -25.28 11.71 -23.94
C THR B 43 -26.79 11.79 -23.88
N LEU B 44 -27.29 13.02 -23.92
CA LEU B 44 -28.69 13.34 -24.03
C LEU B 44 -28.87 13.68 -25.53
N SER B 45 -29.62 12.84 -26.29
CA SER B 45 -29.91 13.10 -27.71
C SER B 45 -31.33 13.71 -27.79
N VAL B 46 -31.46 14.96 -28.33
CA VAL B 46 -32.74 15.68 -28.37
C VAL B 46 -33.12 16.11 -29.80
N ARG B 47 -34.37 15.81 -30.22
CA ARG B 47 -34.83 16.29 -31.52
C ARG B 47 -35.40 17.72 -31.39
N ARG B 48 -34.84 18.65 -32.19
CA ARG B 48 -35.28 20.05 -32.26
C ARG B 48 -35.18 20.54 -33.71
N ASN B 49 -36.25 21.23 -34.21
CA ASN B 49 -36.38 21.75 -35.58
C ASN B 49 -35.94 20.72 -36.66
N GLY B 50 -36.51 19.51 -36.58
CA GLY B 50 -36.19 18.40 -37.49
C GLY B 50 -34.75 17.92 -37.48
N ALA B 51 -33.94 18.37 -36.48
CA ALA B 51 -32.53 18.03 -36.32
C ALA B 51 -32.24 17.39 -34.94
N VAL B 52 -31.19 16.56 -34.87
CA VAL B 52 -30.81 15.88 -33.63
C VAL B 52 -29.53 16.48 -33.03
N THR B 53 -29.63 16.90 -31.75
CA THR B 53 -28.53 17.46 -30.96
C THR B 53 -28.08 16.46 -29.89
N HIS B 54 -26.76 16.32 -29.72
CA HIS B 54 -26.18 15.42 -28.73
C HIS B 54 -25.45 16.24 -27.68
N ILE B 55 -26.01 16.28 -26.44
CA ILE B 55 -25.47 17.01 -25.29
C ILE B 55 -24.73 16.05 -24.37
N LYS B 56 -23.45 16.36 -24.12
CA LYS B 56 -22.59 15.59 -23.24
C LYS B 56 -22.97 15.74 -21.77
N ILE B 57 -22.99 14.61 -21.03
CA ILE B 57 -23.18 14.52 -19.59
C ILE B 57 -21.95 13.79 -19.07
N GLN B 58 -21.13 14.48 -18.31
CA GLN B 58 -19.92 13.89 -17.75
C GLN B 58 -20.17 13.40 -16.33
N ASN B 59 -19.46 12.33 -15.95
CA ASN B 59 -19.46 11.78 -14.60
C ASN B 59 -18.12 11.17 -14.28
N THR B 60 -17.29 11.97 -13.60
CA THR B 60 -15.94 11.54 -13.20
C THR B 60 -15.96 10.88 -11.83
N GLY B 61 -17.13 10.93 -11.15
CA GLY B 61 -17.31 10.29 -9.84
C GLY B 61 -18.04 11.09 -8.78
N ASP B 62 -18.31 12.37 -9.05
CA ASP B 62 -18.93 13.25 -8.05
C ASP B 62 -20.41 13.61 -8.29
N TYR B 63 -20.84 13.71 -9.58
CA TYR B 63 -22.16 14.14 -10.02
C TYR B 63 -22.25 14.05 -11.55
N TYR B 64 -23.48 14.14 -12.06
CA TYR B 64 -23.72 14.15 -13.50
C TYR B 64 -23.67 15.61 -13.92
N ASP B 65 -22.66 15.97 -14.71
CA ASP B 65 -22.45 17.35 -15.18
C ASP B 65 -22.86 17.49 -16.65
N LEU B 66 -24.01 18.10 -16.86
CA LEU B 66 -24.57 18.31 -18.19
C LEU B 66 -23.95 19.56 -18.84
N TYR B 67 -23.32 19.39 -20.01
CA TYR B 67 -22.65 20.48 -20.73
C TYR B 67 -23.62 21.60 -21.09
N GLY B 68 -23.32 22.80 -20.61
CA GLY B 68 -24.15 23.97 -20.81
C GLY B 68 -25.35 24.01 -19.87
N GLY B 69 -25.38 23.08 -18.90
CA GLY B 69 -26.46 22.97 -17.92
C GLY B 69 -25.95 22.83 -16.49
N GLU B 70 -26.75 22.20 -15.61
CA GLU B 70 -26.40 22.06 -14.21
C GLU B 70 -25.86 20.67 -13.84
N LYS B 71 -25.48 20.51 -12.56
CA LYS B 71 -24.97 19.28 -11.97
C LYS B 71 -26.10 18.57 -11.23
N PHE B 72 -26.26 17.26 -11.46
CA PHE B 72 -27.34 16.45 -10.88
C PHE B 72 -26.84 15.19 -10.17
N ALA B 73 -27.63 14.68 -9.22
CA ALA B 73 -27.27 13.44 -8.50
C ALA B 73 -27.52 12.17 -9.32
N THR B 74 -28.53 12.16 -10.21
CA THR B 74 -28.91 10.99 -11.05
C THR B 74 -29.41 11.50 -12.42
N LEU B 75 -29.43 10.64 -13.47
CA LEU B 75 -30.00 11.02 -14.77
C LEU B 75 -31.55 11.18 -14.66
N ALA B 76 -32.21 10.39 -13.79
CA ALA B 76 -33.65 10.51 -13.57
C ALA B 76 -34.00 11.87 -12.96
N GLU B 77 -33.16 12.38 -12.04
CA GLU B 77 -33.38 13.68 -11.41
C GLU B 77 -33.15 14.80 -12.43
N LEU B 78 -32.16 14.63 -13.29
CA LEU B 78 -31.86 15.56 -14.40
C LEU B 78 -33.09 15.68 -15.33
N VAL B 79 -33.58 14.54 -15.83
CA VAL B 79 -34.73 14.46 -16.73
C VAL B 79 -35.96 15.03 -16.02
N GLN B 80 -36.25 14.60 -14.76
CA GLN B 80 -37.40 15.12 -14.01
C GLN B 80 -37.33 16.64 -13.96
N TYR B 81 -36.14 17.19 -13.67
CA TYR B 81 -35.90 18.62 -13.53
C TYR B 81 -36.12 19.38 -14.83
N TYR B 82 -35.56 18.93 -15.94
CA TYR B 82 -35.72 19.64 -17.20
C TYR B 82 -37.10 19.47 -17.84
N MET B 83 -37.72 18.30 -17.66
CA MET B 83 -39.08 18.08 -18.16
C MET B 83 -40.11 19.01 -17.45
N GLU B 84 -39.78 19.48 -16.24
CA GLU B 84 -40.61 20.35 -15.44
C GLU B 84 -40.25 21.84 -15.56
N HIS B 85 -38.96 22.17 -15.75
CA HIS B 85 -38.45 23.54 -15.81
C HIS B 85 -38.03 23.93 -17.20
N HIS B 86 -39.02 24.18 -18.07
CA HIS B 86 -38.79 24.58 -19.46
C HIS B 86 -38.15 25.95 -19.53
N GLY B 87 -37.23 26.11 -20.48
CA GLY B 87 -36.46 27.33 -20.66
C GLY B 87 -35.19 27.35 -19.82
N GLN B 88 -34.97 26.29 -19.01
CA GLN B 88 -33.77 26.19 -18.17
C GLN B 88 -32.61 25.54 -18.89
N LEU B 89 -32.89 24.58 -19.79
CA LEU B 89 -31.86 23.89 -20.59
C LEU B 89 -31.55 24.65 -21.89
N LYS B 90 -30.25 24.97 -22.12
CA LYS B 90 -29.79 25.75 -23.28
C LYS B 90 -28.71 25.05 -24.10
N ASP B 95 -29.68 29.36 -26.64
CA ASP B 95 -30.63 28.62 -27.46
C ASP B 95 -31.39 27.60 -26.62
N VAL B 96 -32.65 27.92 -26.29
CA VAL B 96 -33.56 27.10 -25.48
C VAL B 96 -33.90 25.76 -26.15
N ILE B 97 -33.72 24.67 -25.40
CA ILE B 97 -33.95 23.29 -25.87
C ILE B 97 -34.86 22.56 -24.88
N GLU B 98 -36.04 22.10 -25.38
CA GLU B 98 -37.06 21.48 -24.56
C GLU B 98 -37.10 19.94 -24.59
N LEU B 99 -37.22 19.33 -23.39
CA LEU B 99 -37.41 17.88 -23.19
C LEU B 99 -38.91 17.71 -22.97
N LYS B 100 -39.61 17.17 -23.98
CA LYS B 100 -41.05 16.98 -23.96
C LYS B 100 -41.47 15.54 -24.05
N TYR B 101 -40.94 14.80 -25.02
CA TYR B 101 -41.36 13.42 -25.22
C TYR B 101 -40.27 12.40 -25.06
N PRO B 102 -40.27 11.63 -23.94
CA PRO B 102 -39.29 10.55 -23.82
C PRO B 102 -39.54 9.52 -24.93
N LEU B 103 -38.46 9.11 -25.61
CA LEU B 103 -38.52 8.09 -26.65
C LEU B 103 -38.09 6.82 -25.94
N ASN B 104 -39.04 5.90 -25.78
CA ASN B 104 -38.90 4.67 -25.02
C ASN B 104 -38.06 3.61 -25.70
N CYS B 105 -37.32 2.88 -24.88
CA CYS B 105 -36.45 1.79 -25.28
C CYS B 105 -37.15 0.46 -25.08
N ALA B 106 -37.06 -0.42 -26.09
CA ALA B 106 -37.70 -1.74 -26.03
C ALA B 106 -36.76 -2.83 -25.51
N ASP B 107 -35.44 -2.55 -25.45
CA ASP B 107 -34.37 -3.44 -24.99
C ASP B 107 -34.62 -3.95 -23.56
N PRO B 108 -34.70 -5.27 -23.33
CA PRO B 108 -34.95 -5.76 -21.96
C PRO B 108 -33.67 -6.07 -21.15
N THR B 109 -32.46 -5.72 -21.66
CA THR B 109 -31.17 -6.07 -20.99
C THR B 109 -31.01 -5.47 -19.61
N SER B 110 -31.44 -4.22 -19.38
CA SER B 110 -31.35 -3.56 -18.06
C SER B 110 -32.52 -3.86 -17.11
N GLU B 111 -33.31 -4.91 -17.40
CA GLU B 111 -34.43 -5.33 -16.58
C GLU B 111 -33.91 -6.39 -15.59
N ARG B 112 -34.35 -6.31 -14.32
CA ARG B 112 -33.93 -7.25 -13.25
C ARG B 112 -34.31 -8.70 -13.54
N TRP B 113 -35.44 -8.89 -14.29
CA TRP B 113 -36.01 -10.20 -14.63
C TRP B 113 -35.52 -10.81 -15.94
N PHE B 114 -34.76 -10.07 -16.76
CA PHE B 114 -34.26 -10.60 -18.04
C PHE B 114 -32.90 -11.26 -17.90
N HIS B 115 -32.78 -12.54 -18.32
CA HIS B 115 -31.53 -13.29 -18.21
C HIS B 115 -30.92 -13.74 -19.53
N GLY B 116 -31.66 -13.69 -20.63
CA GLY B 116 -31.17 -14.10 -21.94
C GLY B 116 -30.99 -15.60 -22.05
N HIS B 117 -29.72 -16.07 -22.17
CA HIS B 117 -29.41 -17.50 -22.30
C HIS B 117 -29.61 -18.23 -20.97
N LEU B 118 -30.58 -19.17 -20.90
CA LEU B 118 -30.95 -19.96 -19.71
C LEU B 118 -31.91 -21.09 -20.12
N ALA B 123 -32.36 -22.39 -15.16
CA ALA B 123 -33.54 -21.55 -14.94
C ALA B 123 -34.46 -22.15 -13.89
N GLU B 124 -34.71 -23.47 -13.98
CA GLU B 124 -35.58 -24.20 -13.05
C GLU B 124 -34.88 -24.47 -11.71
N LYS B 125 -33.54 -24.62 -11.74
CA LYS B 125 -32.73 -24.87 -10.55
C LYS B 125 -32.69 -23.60 -9.70
N LEU B 126 -32.40 -22.45 -10.35
CA LEU B 126 -32.35 -21.12 -9.73
C LEU B 126 -33.62 -20.76 -8.97
N LEU B 127 -34.81 -21.01 -9.58
CA LEU B 127 -36.10 -20.75 -8.96
C LEU B 127 -36.37 -21.69 -7.76
N THR B 128 -35.79 -22.90 -7.77
CA THR B 128 -35.92 -23.86 -6.67
C THR B 128 -34.97 -23.47 -5.51
N GLU B 129 -33.72 -23.08 -5.83
CA GLU B 129 -32.67 -22.69 -4.88
C GLU B 129 -32.93 -21.35 -4.18
N LYS B 130 -33.08 -20.26 -4.99
CA LYS B 130 -33.24 -18.86 -4.56
C LYS B 130 -34.71 -18.36 -4.53
N GLY B 131 -35.52 -18.82 -5.48
CA GLY B 131 -36.90 -18.37 -5.66
C GLY B 131 -37.91 -18.70 -4.57
N LYS B 132 -38.92 -17.83 -4.46
CA LYS B 132 -40.06 -17.95 -3.55
C LYS B 132 -41.38 -17.70 -4.33
N HIS B 133 -42.54 -17.57 -3.66
CA HIS B 133 -43.82 -17.37 -4.36
C HIS B 133 -43.89 -15.99 -5.06
N GLY B 134 -44.08 -16.04 -6.37
CA GLY B 134 -44.18 -14.83 -7.19
C GLY B 134 -42.91 -14.54 -7.97
N SER B 135 -41.84 -15.34 -7.71
CA SER B 135 -40.53 -15.18 -8.34
C SER B 135 -40.59 -15.54 -9.79
N PHE B 136 -40.00 -14.71 -10.62
CA PHE B 136 -40.06 -14.98 -12.06
C PHE B 136 -38.81 -14.51 -12.76
N LEU B 137 -38.64 -14.95 -14.00
CA LEU B 137 -37.55 -14.57 -14.88
C LEU B 137 -38.06 -14.72 -16.31
N VAL B 138 -37.40 -14.06 -17.25
CA VAL B 138 -37.69 -14.13 -18.67
C VAL B 138 -36.36 -14.49 -19.33
N ARG B 139 -36.37 -15.51 -20.20
CA ARG B 139 -35.21 -16.04 -20.92
C ARG B 139 -35.52 -16.25 -22.41
N GLU B 140 -34.48 -16.39 -23.25
CA GLU B 140 -34.62 -16.62 -24.68
C GLU B 140 -35.00 -18.08 -24.90
N PRO B 145 -37.07 -20.99 -30.23
CA PRO B 145 -36.03 -20.39 -31.09
C PRO B 145 -36.50 -19.03 -31.61
N GLY B 146 -35.83 -17.95 -31.19
CA GLY B 146 -36.20 -16.58 -31.50
C GLY B 146 -37.22 -16.01 -30.52
N ASP B 147 -38.01 -16.90 -29.90
CA ASP B 147 -39.04 -16.63 -28.91
C ASP B 147 -38.41 -16.50 -27.50
N PHE B 148 -39.27 -16.34 -26.48
CA PHE B 148 -38.87 -16.22 -25.09
C PHE B 148 -39.69 -17.14 -24.20
N VAL B 149 -39.28 -17.29 -22.94
CA VAL B 149 -39.99 -18.09 -21.96
C VAL B 149 -40.05 -17.30 -20.67
N LEU B 150 -41.23 -17.22 -20.06
CA LEU B 150 -41.46 -16.58 -18.76
C LEU B 150 -41.58 -17.75 -17.79
N SER B 151 -40.65 -17.84 -16.81
CA SER B 151 -40.67 -18.90 -15.81
C SER B 151 -41.05 -18.30 -14.46
N VAL B 152 -42.11 -18.83 -13.84
CA VAL B 152 -42.69 -18.35 -12.58
C VAL B 152 -42.75 -19.47 -11.57
N ARG B 153 -42.58 -19.13 -10.29
CA ARG B 153 -42.67 -20.02 -9.15
C ARG B 153 -43.91 -19.56 -8.36
N THR B 154 -44.80 -20.52 -8.00
CA THR B 154 -46.05 -20.20 -7.28
C THR B 154 -46.15 -20.95 -5.95
N SER B 166 -45.25 -26.17 -3.83
CA SER B 166 -44.71 -25.22 -4.82
C SER B 166 -44.28 -25.91 -6.13
N LYS B 167 -44.31 -25.14 -7.24
CA LYS B 167 -44.01 -25.60 -8.61
C LYS B 167 -43.41 -24.49 -9.47
N VAL B 168 -42.89 -24.83 -10.67
CA VAL B 168 -42.34 -23.88 -11.65
C VAL B 168 -43.17 -23.96 -12.95
N THR B 169 -43.89 -22.87 -13.27
CA THR B 169 -44.70 -22.80 -14.49
C THR B 169 -43.94 -22.03 -15.57
N HIS B 170 -43.93 -22.58 -16.80
CA HIS B 170 -43.30 -21.96 -17.97
C HIS B 170 -44.38 -21.48 -18.93
N VAL B 171 -44.23 -20.25 -19.41
CA VAL B 171 -45.16 -19.58 -20.33
C VAL B 171 -44.35 -19.17 -21.55
N MET B 172 -44.69 -19.73 -22.72
CA MET B 172 -43.99 -19.38 -23.96
C MET B 172 -44.39 -17.99 -24.40
N ILE B 173 -43.41 -17.22 -24.88
CA ILE B 173 -43.59 -15.86 -25.38
C ILE B 173 -43.17 -15.87 -26.82
N ARG B 174 -44.13 -15.74 -27.73
CA ARG B 174 -43.85 -15.75 -29.16
C ARG B 174 -43.45 -14.37 -29.64
N CYS B 175 -42.43 -14.33 -30.50
CA CYS B 175 -42.02 -13.08 -31.12
C CYS B 175 -42.52 -13.14 -32.57
N GLN B 176 -43.56 -12.37 -32.88
CA GLN B 176 -44.19 -12.35 -34.19
C GLN B 176 -44.20 -10.93 -34.72
N GLU B 177 -43.60 -10.72 -35.90
CA GLU B 177 -43.48 -9.41 -36.56
C GLU B 177 -43.09 -8.27 -35.59
N LEU B 178 -42.01 -8.50 -34.79
CA LEU B 178 -41.45 -7.58 -33.78
C LEU B 178 -42.38 -7.34 -32.56
N LYS B 179 -43.48 -8.12 -32.44
CA LYS B 179 -44.44 -8.05 -31.35
C LYS B 179 -44.40 -9.32 -30.49
N TYR B 180 -44.71 -9.17 -29.20
CA TYR B 180 -44.64 -10.23 -28.20
C TYR B 180 -46.00 -10.60 -27.64
N ASP B 181 -46.28 -11.91 -27.49
CA ASP B 181 -47.55 -12.43 -26.96
C ASP B 181 -47.39 -13.80 -26.26
N VAL B 182 -48.32 -14.13 -25.33
CA VAL B 182 -48.36 -15.39 -24.58
C VAL B 182 -49.31 -16.44 -25.24
N GLY B 183 -49.37 -16.40 -26.58
CA GLY B 183 -50.20 -17.31 -27.36
C GLY B 183 -51.58 -16.80 -27.74
N GLY B 184 -52.08 -15.83 -27.01
CA GLY B 184 -53.39 -15.22 -27.28
C GLY B 184 -53.52 -13.84 -26.70
N GLY B 185 -54.54 -13.10 -27.12
CA GLY B 185 -54.86 -11.77 -26.62
C GLY B 185 -54.06 -10.63 -27.21
N GLU B 186 -53.57 -9.74 -26.32
CA GLU B 186 -52.78 -8.57 -26.69
C GLU B 186 -51.37 -8.89 -27.19
N ARG B 187 -50.87 -8.07 -28.12
CA ARG B 187 -49.55 -8.20 -28.70
C ARG B 187 -48.79 -6.92 -28.29
N PHE B 188 -47.68 -7.10 -27.57
CA PHE B 188 -46.89 -6.01 -26.98
C PHE B 188 -45.65 -5.63 -27.80
N ASP B 189 -45.27 -4.34 -27.74
CA ASP B 189 -44.12 -3.78 -28.44
C ASP B 189 -42.77 -4.20 -27.84
N SER B 190 -42.76 -4.57 -26.55
CA SER B 190 -41.57 -4.99 -25.80
C SER B 190 -41.91 -6.07 -24.77
N LEU B 191 -40.89 -6.75 -24.21
CA LEU B 191 -41.09 -7.73 -23.16
C LEU B 191 -41.48 -6.99 -21.88
N THR B 192 -41.01 -5.73 -21.74
CA THR B 192 -41.29 -4.86 -20.59
C THR B 192 -42.78 -4.66 -20.47
N ASP B 193 -43.42 -4.22 -21.57
CA ASP B 193 -44.86 -3.97 -21.69
C ASP B 193 -45.67 -5.22 -21.38
N LEU B 194 -45.29 -6.37 -21.98
CA LEU B 194 -45.89 -7.70 -21.75
C LEU B 194 -45.78 -8.07 -20.27
N VAL B 195 -44.59 -7.86 -19.65
CA VAL B 195 -44.36 -8.17 -18.23
C VAL B 195 -45.21 -7.26 -17.33
N GLU B 196 -45.23 -5.94 -17.63
CA GLU B 196 -46.01 -4.95 -16.87
C GLU B 196 -47.51 -5.29 -16.88
N HIS B 197 -48.05 -5.72 -18.03
CA HIS B 197 -49.45 -6.11 -18.20
C HIS B 197 -49.78 -7.35 -17.36
N TYR B 198 -48.93 -8.40 -17.43
CA TYR B 198 -49.18 -9.65 -16.71
C TYR B 198 -48.85 -9.57 -15.20
N LYS B 199 -48.23 -8.46 -14.76
CA LYS B 199 -47.95 -8.15 -13.36
C LYS B 199 -49.25 -7.57 -12.74
N LYS B 200 -50.00 -6.77 -13.52
CA LYS B 200 -51.24 -6.11 -13.10
C LYS B 200 -52.47 -6.99 -13.36
N ASN B 201 -52.46 -7.72 -14.49
CA ASN B 201 -53.51 -8.64 -14.94
C ASN B 201 -52.89 -10.04 -15.05
N PRO B 202 -52.77 -10.77 -13.91
CA PRO B 202 -52.10 -12.08 -13.96
C PRO B 202 -52.85 -13.15 -14.73
N MET B 203 -52.08 -13.99 -15.44
CA MET B 203 -52.60 -15.14 -16.15
C MET B 203 -53.09 -16.11 -15.08
N VAL B 204 -54.25 -16.73 -15.31
CA VAL B 204 -54.82 -17.71 -14.38
C VAL B 204 -54.90 -19.01 -15.16
N GLU B 205 -54.38 -20.10 -14.57
CA GLU B 205 -54.41 -21.43 -15.18
C GLU B 205 -55.82 -22.02 -15.10
N THR B 206 -56.12 -22.99 -15.99
CA THR B 206 -57.42 -23.67 -16.15
C THR B 206 -57.99 -24.20 -14.82
N LEU B 207 -57.10 -24.67 -13.92
CA LEU B 207 -57.49 -25.19 -12.61
C LEU B 207 -57.38 -24.12 -11.47
N GLY B 208 -57.27 -22.85 -11.85
CA GLY B 208 -57.29 -21.72 -10.91
C GLY B 208 -55.98 -21.13 -10.42
N THR B 209 -54.81 -21.73 -10.72
CA THR B 209 -53.54 -21.17 -10.26
C THR B 209 -53.26 -19.81 -10.92
N VAL B 210 -53.22 -18.77 -10.09
CA VAL B 210 -52.94 -17.38 -10.50
C VAL B 210 -51.41 -17.24 -10.60
N LEU B 211 -50.91 -17.05 -11.82
CA LEU B 211 -49.48 -16.88 -12.05
C LEU B 211 -49.02 -15.45 -11.71
N GLN B 212 -48.87 -15.19 -10.40
CA GLN B 212 -48.47 -13.89 -9.85
C GLN B 212 -47.00 -13.59 -10.12
N LEU B 213 -46.73 -12.39 -10.68
CA LEU B 213 -45.39 -11.90 -10.97
C LEU B 213 -45.08 -10.86 -9.89
N LYS B 214 -44.76 -11.35 -8.68
CA LYS B 214 -44.49 -10.49 -7.53
C LYS B 214 -43.12 -9.83 -7.53
N GLN B 215 -42.06 -10.61 -7.78
CA GLN B 215 -40.69 -10.10 -7.76
C GLN B 215 -39.75 -10.84 -8.72
N PRO B 216 -38.83 -10.13 -9.41
CA PRO B 216 -37.84 -10.84 -10.26
C PRO B 216 -37.00 -11.78 -9.40
N LEU B 217 -36.49 -12.89 -9.99
CA LEU B 217 -35.65 -13.81 -9.22
C LEU B 217 -34.31 -13.13 -8.82
N ASN B 218 -33.94 -13.22 -7.53
CA ASN B 218 -32.69 -12.60 -7.08
C ASN B 218 -31.46 -13.40 -7.53
N THR B 219 -30.63 -12.79 -8.41
CA THR B 219 -29.39 -13.41 -8.91
C THR B 219 -28.11 -12.66 -8.45
N THR B 220 -28.26 -11.61 -7.63
CA THR B 220 -27.12 -10.78 -7.17
C THR B 220 -26.63 -11.14 -5.76
N ARG B 221 -27.53 -11.68 -4.91
CA ARG B 221 -27.14 -12.09 -3.56
C ARG B 221 -26.22 -13.32 -3.63
N ILE B 222 -25.02 -13.17 -3.12
CA ILE B 222 -24.02 -14.24 -3.07
C ILE B 222 -23.62 -14.50 -1.63
N ASN B 223 -23.02 -15.68 -1.36
CA ASN B 223 -22.48 -15.96 -0.04
C ASN B 223 -21.07 -15.32 -0.09
N ALA B 224 -20.62 -14.64 0.99
CA ALA B 224 -19.33 -13.92 1.04
C ALA B 224 -18.12 -14.71 0.50
N ALA B 225 -18.05 -16.02 0.80
CA ALA B 225 -17.00 -16.95 0.38
C ALA B 225 -16.88 -17.11 -1.13
N GLU B 226 -17.98 -16.91 -1.89
CA GLU B 226 -17.99 -17.06 -3.34
C GLU B 226 -17.78 -15.72 -4.10
N ILE B 227 -17.28 -14.65 -3.41
CA ILE B 227 -17.02 -13.32 -3.99
C ILE B 227 -16.07 -13.37 -5.20
N GLU B 228 -14.93 -14.10 -5.08
CA GLU B 228 -13.91 -14.19 -6.14
C GLU B 228 -14.50 -14.78 -7.42
N SER B 229 -15.27 -15.87 -7.27
CA SER B 229 -15.99 -16.57 -8.34
C SER B 229 -16.93 -15.57 -9.04
N ARG B 230 -17.68 -14.76 -8.23
CA ARG B 230 -18.58 -13.73 -8.74
C ARG B 230 -17.83 -12.59 -9.42
N VAL B 231 -16.71 -12.10 -8.82
CA VAL B 231 -15.90 -11.04 -9.44
C VAL B 231 -15.38 -11.52 -10.80
N ARG B 232 -14.94 -12.79 -10.89
CA ARG B 232 -14.48 -13.39 -12.15
C ARG B 232 -15.60 -13.43 -13.20
N GLU B 233 -16.82 -13.93 -12.84
CA GLU B 233 -17.99 -13.96 -13.73
C GLU B 233 -18.37 -12.54 -14.19
N LEU B 234 -18.45 -11.55 -13.25
CA LEU B 234 -18.77 -10.16 -13.63
C LEU B 234 -17.72 -9.50 -14.53
N SER B 235 -16.48 -10.04 -14.54
CA SER B 235 -15.38 -9.55 -15.38
C SER B 235 -15.38 -10.22 -16.76
N LYS B 236 -16.00 -11.42 -16.86
CA LYS B 236 -16.08 -12.19 -18.11
C LYS B 236 -16.98 -11.50 -19.13
N GLN B 246 -19.21 -6.72 -20.49
CA GLN B 246 -18.97 -7.18 -19.12
C GLN B 246 -20.21 -7.22 -18.22
N GLY B 247 -20.24 -8.20 -17.32
CA GLY B 247 -21.28 -8.40 -16.32
C GLY B 247 -21.39 -7.26 -15.34
N PHE B 248 -20.25 -6.61 -14.98
CA PHE B 248 -20.21 -5.45 -14.07
C PHE B 248 -21.06 -4.31 -14.64
N TRP B 249 -20.91 -4.04 -15.96
CA TRP B 249 -21.67 -3.01 -16.68
C TRP B 249 -23.19 -3.28 -16.67
N GLU B 250 -23.58 -4.51 -17.00
CA GLU B 250 -24.97 -4.95 -17.04
C GLU B 250 -25.65 -4.84 -15.68
N GLU B 251 -24.97 -5.29 -14.62
CA GLU B 251 -25.47 -5.27 -13.26
C GLU B 251 -25.64 -3.83 -12.76
N PHE B 252 -24.68 -2.96 -13.08
CA PHE B 252 -24.70 -1.54 -12.72
C PHE B 252 -25.83 -0.79 -13.41
N GLU B 253 -25.98 -0.95 -14.75
CA GLU B 253 -27.07 -0.28 -15.48
C GLU B 253 -28.46 -0.81 -15.14
N THR B 254 -28.57 -2.04 -14.62
CA THR B 254 -29.84 -2.61 -14.16
C THR B 254 -30.23 -1.90 -12.85
N LEU B 255 -29.24 -1.65 -11.96
CA LEU B 255 -29.43 -0.89 -10.73
C LEU B 255 -29.76 0.59 -11.09
N GLN B 256 -29.11 1.15 -12.13
CA GLN B 256 -29.37 2.53 -12.55
C GLN B 256 -30.82 2.72 -13.04
N GLN B 257 -31.36 1.70 -13.76
CA GLN B 257 -32.72 1.67 -14.27
C GLN B 257 -33.74 1.77 -13.13
N GLN B 258 -33.37 1.35 -11.91
CA GLN B 258 -34.25 1.40 -10.73
C GLN B 258 -34.27 2.76 -10.00
N GLU B 259 -33.54 3.76 -10.51
CA GLU B 259 -33.44 5.02 -9.77
C GLU B 259 -34.70 5.90 -9.92
N CYS B 260 -35.51 5.67 -10.98
CA CYS B 260 -36.79 6.33 -11.25
C CYS B 260 -37.80 6.10 -10.09
N LYS B 261 -37.59 5.02 -9.31
CA LYS B 261 -38.36 4.67 -8.11
C LYS B 261 -37.94 5.54 -6.88
N LEU B 262 -36.83 6.32 -6.99
CA LEU B 262 -36.35 7.07 -5.82
C LEU B 262 -36.48 8.60 -5.92
N LEU B 263 -37.45 9.10 -6.71
CA LEU B 263 -37.70 10.52 -6.88
C LEU B 263 -38.60 11.08 -5.77
N TYR B 264 -38.09 11.10 -4.53
CA TYR B 264 -38.76 11.62 -3.34
C TYR B 264 -38.58 13.14 -3.30
N SER B 265 -39.45 13.81 -2.51
CA SER B 265 -39.42 15.27 -2.39
C SER B 265 -38.12 15.76 -1.78
N ARG B 266 -37.60 16.83 -2.39
CA ARG B 266 -36.41 17.55 -2.00
C ARG B 266 -36.83 19.04 -1.94
N LYS B 267 -38.05 19.31 -1.42
CA LYS B 267 -38.64 20.64 -1.32
C LYS B 267 -37.94 21.61 -0.37
N GLU B 268 -37.49 21.16 0.83
CA GLU B 268 -36.84 22.03 1.81
C GLU B 268 -35.61 22.75 1.29
N GLY B 269 -34.83 22.04 0.49
CA GLY B 269 -33.63 22.56 -0.13
C GLY B 269 -33.87 23.53 -1.25
N GLN B 270 -35.13 23.60 -1.72
CA GLN B 270 -35.55 24.49 -2.80
C GLN B 270 -35.95 25.87 -2.26
N ARG B 271 -36.31 25.96 -0.95
CA ARG B 271 -36.68 27.24 -0.29
C ARG B 271 -35.62 28.28 -0.52
N GLN B 272 -36.06 29.53 -0.84
CA GLN B 272 -35.19 30.69 -1.09
C GLN B 272 -34.07 30.84 -0.08
N GLU B 273 -34.43 30.74 1.20
CA GLU B 273 -33.49 30.88 2.31
C GLU B 273 -32.47 29.73 2.43
N ASN B 274 -32.67 28.61 1.68
CA ASN B 274 -31.78 27.44 1.73
C ASN B 274 -30.95 27.22 0.48
N LYS B 275 -31.25 27.89 -0.63
CA LYS B 275 -30.55 27.70 -1.91
C LYS B 275 -29.03 27.86 -1.83
N ASN B 276 -28.56 28.90 -1.13
CA ASN B 276 -27.15 29.24 -1.01
C ASN B 276 -26.43 28.37 0.07
N LYS B 277 -27.17 27.42 0.68
CA LYS B 277 -26.62 26.47 1.65
C LYS B 277 -26.29 25.15 0.93
N ASN B 278 -26.61 25.10 -0.38
CA ASN B 278 -26.34 23.95 -1.25
C ASN B 278 -25.10 24.25 -2.07
N ARG B 279 -24.13 23.33 -2.09
CA ARG B 279 -22.92 23.52 -2.90
C ARG B 279 -23.34 23.53 -4.40
N TYR B 280 -24.24 22.61 -4.75
CA TYR B 280 -24.80 22.43 -6.08
C TYR B 280 -26.30 22.57 -5.90
N LYS B 281 -26.87 23.64 -6.48
CA LYS B 281 -28.30 24.02 -6.38
C LYS B 281 -29.29 22.90 -6.68
N ASN B 282 -28.95 21.95 -7.58
CA ASN B 282 -29.83 20.85 -7.95
C ASN B 282 -29.46 19.52 -7.28
N ILE B 283 -28.47 19.52 -6.37
CA ILE B 283 -28.14 18.30 -5.61
C ILE B 283 -28.68 18.52 -4.19
N LEU B 284 -29.89 17.99 -3.93
CA LEU B 284 -30.62 18.24 -2.69
C LEU B 284 -30.90 17.00 -1.79
N PRO B 285 -30.96 17.22 -0.44
CA PRO B 285 -31.28 16.12 0.47
C PRO B 285 -32.77 15.75 0.44
N PHE B 286 -33.12 14.44 0.56
CA PHE B 286 -34.53 14.01 0.63
C PHE B 286 -35.13 14.59 1.91
N ASP B 287 -36.30 15.25 1.83
CA ASP B 287 -36.95 15.81 3.01
C ASP B 287 -37.19 14.74 4.09
N HIS B 288 -37.53 13.50 3.68
CA HIS B 288 -37.86 12.42 4.65
C HIS B 288 -36.65 11.90 5.48
N THR B 289 -35.37 12.14 5.03
CA THR B 289 -34.17 11.68 5.78
C THR B 289 -33.18 12.78 6.12
N ARG B 290 -33.49 14.04 5.72
CA ARG B 290 -32.62 15.18 5.95
C ARG B 290 -32.34 15.40 7.43
N VAL B 291 -31.18 15.95 7.76
CA VAL B 291 -30.86 16.28 9.16
C VAL B 291 -31.55 17.64 9.45
N VAL B 292 -32.48 17.63 10.41
CA VAL B 292 -33.21 18.83 10.81
C VAL B 292 -32.46 19.44 12.00
N LEU B 293 -31.99 20.68 11.84
CA LEU B 293 -31.25 21.35 12.90
C LEU B 293 -32.23 22.08 13.86
N HIS B 294 -32.30 21.64 15.13
CA HIS B 294 -33.18 22.20 16.16
C HIS B 294 -32.37 23.16 17.02
N VAL B 302 -35.25 30.75 8.57
CA VAL B 302 -34.87 29.34 8.50
C VAL B 302 -33.48 29.11 9.07
N SER B 303 -33.41 28.22 10.07
CA SER B 303 -32.18 27.84 10.77
C SER B 303 -32.12 26.32 10.96
N ASP B 304 -33.06 25.56 10.34
CA ASP B 304 -33.16 24.09 10.49
C ASP B 304 -32.52 23.26 9.37
N TYR B 305 -31.95 23.94 8.36
CA TYR B 305 -31.49 23.27 7.16
C TYR B 305 -30.01 23.05 7.02
N ILE B 306 -29.68 21.84 6.54
CA ILE B 306 -28.32 21.46 6.18
C ILE B 306 -28.43 20.44 5.04
N ASN B 307 -27.62 20.58 3.98
CA ASN B 307 -27.62 19.58 2.91
C ASN B 307 -26.87 18.28 3.45
N ALA B 308 -27.61 17.48 4.21
CA ALA B 308 -27.12 16.27 4.89
C ALA B 308 -28.34 15.35 5.06
N ASN B 309 -28.10 14.02 5.06
CA ASN B 309 -29.14 12.99 5.29
C ASN B 309 -28.63 11.92 6.21
N ILE B 310 -29.51 11.37 7.01
CA ILE B 310 -29.21 10.24 7.89
C ILE B 310 -29.27 9.01 6.98
N ILE B 311 -28.26 8.15 7.05
CA ILE B 311 -28.17 6.88 6.32
C ILE B 311 -28.21 5.78 7.40
N MET B 312 -29.32 5.02 7.43
CA MET B 312 -29.53 3.93 8.36
C MET B 312 -29.46 2.61 7.60
N PRO B 313 -28.49 1.70 7.91
CA PRO B 313 -28.41 0.43 7.14
C PRO B 313 -29.65 -0.47 7.29
N PRO B 324 -26.14 -2.23 19.05
CA PRO B 324 -26.01 -0.90 18.45
C PRO B 324 -25.73 -0.97 16.95
N LYS B 325 -26.63 -0.36 16.18
CA LYS B 325 -26.55 -0.32 14.72
C LYS B 325 -25.86 0.99 14.30
N LYS B 326 -24.70 0.89 13.62
CA LYS B 326 -23.91 2.04 13.17
C LYS B 326 -24.66 2.81 12.06
N SER B 327 -24.92 4.10 12.25
CA SER B 327 -25.58 4.92 11.21
C SER B 327 -24.60 5.99 10.70
N TYR B 328 -24.98 6.65 9.58
CA TYR B 328 -24.15 7.64 8.92
C TYR B 328 -24.94 8.88 8.63
N ILE B 329 -24.22 9.99 8.45
CA ILE B 329 -24.72 11.26 7.97
C ILE B 329 -23.90 11.46 6.72
N ALA B 330 -24.51 11.45 5.53
CA ALA B 330 -23.79 11.69 4.31
C ALA B 330 -24.02 13.19 4.00
N THR B 331 -22.94 13.96 3.85
CA THR B 331 -23.11 15.40 3.67
C THR B 331 -22.12 15.93 2.62
N GLN B 332 -22.36 17.14 2.15
CA GLN B 332 -21.52 17.82 1.18
C GLN B 332 -20.34 18.49 1.91
N GLY B 333 -19.32 18.87 1.15
CA GLY B 333 -18.23 19.65 1.68
C GLY B 333 -18.79 21.00 2.10
N CYS B 334 -18.39 21.48 3.29
CA CYS B 334 -18.77 22.75 3.93
C CYS B 334 -18.61 23.92 3.01
N LEU B 335 -19.55 24.85 3.12
CA LEU B 335 -19.45 26.14 2.44
C LEU B 335 -19.06 27.15 3.54
N GLN B 336 -18.50 28.34 3.20
CA GLN B 336 -18.14 29.33 4.24
C GLN B 336 -19.37 29.73 5.09
N ASN B 337 -20.52 29.84 4.46
CA ASN B 337 -21.78 30.20 5.12
C ASN B 337 -22.49 29.01 5.81
N THR B 338 -21.95 27.74 5.70
CA THR B 338 -22.58 26.56 6.34
C THR B 338 -21.66 25.87 7.40
N VAL B 339 -20.42 26.40 7.64
CA VAL B 339 -19.49 25.87 8.66
C VAL B 339 -20.16 25.80 10.04
N ASN B 340 -20.87 26.86 10.45
CA ASN B 340 -21.52 26.86 11.78
C ASN B 340 -22.64 25.84 11.86
N ASP B 341 -23.40 25.67 10.76
CA ASP B 341 -24.48 24.67 10.64
C ASP B 341 -23.92 23.25 10.68
N PHE B 342 -22.74 23.03 10.10
CA PHE B 342 -22.07 21.74 10.17
C PHE B 342 -21.76 21.35 11.64
N TRP B 343 -21.16 22.28 12.43
CA TRP B 343 -20.86 21.99 13.84
C TRP B 343 -22.09 21.81 14.71
N ARG B 344 -23.20 22.55 14.40
CA ARG B 344 -24.48 22.40 15.11
C ARG B 344 -25.01 20.97 14.88
N MET B 345 -24.87 20.47 13.64
CA MET B 345 -25.25 19.12 13.26
C MET B 345 -24.42 18.10 14.04
N VAL B 346 -23.09 18.25 14.05
CA VAL B 346 -22.19 17.31 14.74
C VAL B 346 -22.57 17.23 16.23
N PHE B 347 -22.77 18.40 16.88
CA PHE B 347 -23.13 18.51 18.29
C PHE B 347 -24.48 17.88 18.60
N GLN B 348 -25.55 18.26 17.86
CA GLN B 348 -26.92 17.75 18.01
C GLN B 348 -26.98 16.22 17.83
N GLU B 349 -26.33 15.71 16.76
CA GLU B 349 -26.41 14.28 16.49
C GLU B 349 -25.49 13.42 17.34
N ASN B 350 -24.67 14.05 18.23
CA ASN B 350 -23.76 13.31 19.11
C ASN B 350 -22.69 12.53 18.33
N SER B 351 -22.37 12.96 17.07
CA SER B 351 -21.34 12.34 16.23
C SER B 351 -19.97 12.57 16.88
N ARG B 352 -19.14 11.50 16.90
CA ARG B 352 -17.81 11.53 17.48
C ARG B 352 -16.77 11.24 16.44
N VAL B 353 -17.19 10.87 15.21
CA VAL B 353 -16.30 10.54 14.11
C VAL B 353 -16.75 11.29 12.84
N ILE B 354 -15.79 11.92 12.17
CA ILE B 354 -16.03 12.59 10.88
C ILE B 354 -15.07 11.96 9.88
N VAL B 355 -15.59 11.58 8.71
CA VAL B 355 -14.83 11.03 7.62
C VAL B 355 -14.85 12.04 6.45
N MET B 356 -13.69 12.64 6.18
CA MET B 356 -13.55 13.57 5.05
C MET B 356 -12.83 12.75 3.97
N THR B 357 -13.43 12.59 2.78
CA THR B 357 -12.89 11.71 1.73
C THR B 357 -12.26 12.50 0.59
N THR B 358 -12.19 13.81 0.74
CA THR B 358 -11.69 14.72 -0.26
C THR B 358 -10.59 15.63 0.30
N LYS B 359 -9.69 16.14 -0.57
CA LYS B 359 -8.75 17.20 -0.16
C LYS B 359 -9.58 18.51 -0.16
N GLU B 360 -9.12 19.57 0.51
CA GLU B 360 -9.88 20.84 0.48
C GLU B 360 -9.89 21.41 -0.94
N VAL B 361 -8.77 21.18 -1.69
CA VAL B 361 -8.62 21.64 -3.07
C VAL B 361 -8.13 20.48 -3.96
N GLU B 362 -8.88 20.21 -5.03
CA GLU B 362 -8.55 19.18 -6.02
C GLU B 362 -8.69 19.76 -7.42
N ARG B 363 -7.68 19.48 -8.30
CA ARG B 363 -7.60 19.95 -9.69
C ARG B 363 -7.88 21.48 -9.76
N GLY B 364 -7.25 22.23 -8.85
CA GLY B 364 -7.38 23.68 -8.72
C GLY B 364 -8.74 24.21 -8.27
N LYS B 365 -9.65 23.33 -7.81
CA LYS B 365 -11.01 23.71 -7.38
C LYS B 365 -11.27 23.41 -5.90
N SER B 366 -11.96 24.34 -5.19
CA SER B 366 -12.33 24.19 -3.78
C SER B 366 -13.50 23.18 -3.61
N LYS B 367 -13.23 22.08 -2.90
CA LYS B 367 -14.17 20.99 -2.64
C LYS B 367 -14.82 21.08 -1.26
N CYS B 368 -14.16 21.76 -0.33
CA CYS B 368 -14.60 21.87 1.06
C CYS B 368 -13.83 23.00 1.71
N VAL B 369 -14.54 23.76 2.51
CA VAL B 369 -13.94 24.85 3.25
C VAL B 369 -13.29 24.22 4.50
N LYS B 370 -12.15 24.75 4.97
CA LYS B 370 -11.47 24.24 6.17
C LYS B 370 -12.39 24.62 7.36
N TYR B 371 -12.96 23.63 8.04
CA TYR B 371 -13.96 23.88 9.09
C TYR B 371 -13.43 23.53 10.45
N TRP B 372 -12.17 23.26 10.51
CA TRP B 372 -11.49 22.88 11.74
C TRP B 372 -10.36 23.86 12.00
N PRO B 373 -9.95 24.11 13.27
CA PRO B 373 -8.79 24.98 13.48
C PRO B 373 -7.46 24.30 13.17
N ASP B 374 -6.39 25.10 13.06
CA ASP B 374 -5.01 24.63 12.93
C ASP B 374 -4.66 23.92 14.22
N GLU B 375 -3.69 22.99 14.17
CA GLU B 375 -3.25 22.22 15.35
C GLU B 375 -2.97 23.15 16.52
N TYR B 376 -3.43 22.76 17.71
CA TYR B 376 -3.28 23.51 18.98
C TYR B 376 -4.17 24.77 19.06
N ALA B 377 -4.81 25.21 17.96
CA ALA B 377 -5.68 26.39 17.99
C ALA B 377 -7.13 26.02 18.41
N LEU B 378 -7.85 27.05 18.86
CA LEU B 378 -9.24 27.02 19.29
C LEU B 378 -10.02 28.06 18.47
N LYS B 379 -11.21 27.69 17.96
CA LYS B 379 -12.08 28.58 17.20
C LYS B 379 -13.52 28.43 17.66
N GLU B 380 -14.28 29.53 17.51
CA GLU B 380 -15.70 29.57 17.78
C GLU B 380 -16.38 29.69 16.42
N TYR B 381 -17.27 28.76 16.14
CA TYR B 381 -18.06 28.70 14.91
C TYR B 381 -19.48 28.88 15.42
N GLY B 382 -19.88 30.13 15.55
CA GLY B 382 -21.18 30.47 16.11
C GLY B 382 -21.14 30.20 17.60
N VAL B 383 -22.10 29.40 18.10
CA VAL B 383 -22.18 28.99 19.51
C VAL B 383 -21.32 27.75 19.80
N MET B 384 -20.69 27.14 18.76
CA MET B 384 -19.84 25.95 18.89
C MET B 384 -18.38 26.33 19.02
N ARG B 385 -17.71 25.71 19.96
CA ARG B 385 -16.31 25.92 20.25
C ARG B 385 -15.53 24.65 19.84
N VAL B 386 -14.50 24.81 19.01
CA VAL B 386 -13.68 23.67 18.56
C VAL B 386 -12.22 23.85 18.95
N ARG B 387 -11.66 22.86 19.64
CA ARG B 387 -10.24 22.86 19.91
C ARG B 387 -9.54 21.77 19.05
N ASN B 388 -8.47 22.08 18.33
CA ASN B 388 -7.69 21.07 17.62
C ASN B 388 -6.60 20.67 18.59
N VAL B 389 -6.83 19.55 19.30
CA VAL B 389 -5.97 19.02 20.35
C VAL B 389 -4.63 18.49 19.81
N LYS B 390 -4.67 17.70 18.71
CA LYS B 390 -3.51 17.02 18.11
C LYS B 390 -3.84 16.46 16.73
N GLU B 391 -2.84 16.47 15.85
CA GLU B 391 -2.92 15.93 14.50
C GLU B 391 -1.90 14.80 14.38
N SER B 392 -2.31 13.71 13.76
CA SER B 392 -1.48 12.52 13.54
C SER B 392 -1.53 12.14 12.06
N ALA B 393 -0.39 12.20 11.39
CA ALA B 393 -0.27 11.93 9.97
C ALA B 393 0.17 10.50 9.65
N ALA B 394 -0.55 9.85 8.72
CA ALA B 394 -0.26 8.53 8.16
C ALA B 394 -0.07 8.79 6.65
N HIS B 395 0.22 7.79 5.83
CA HIS B 395 0.37 8.03 4.39
C HIS B 395 -1.01 8.35 3.75
N ASP B 396 -2.03 7.50 4.00
CA ASP B 396 -3.36 7.64 3.39
C ASP B 396 -4.27 8.71 4.00
N TYR B 397 -3.99 9.13 5.25
CA TYR B 397 -4.90 10.03 5.93
C TYR B 397 -4.26 10.79 7.07
N THR B 398 -4.94 11.83 7.51
CA THR B 398 -4.57 12.65 8.66
C THR B 398 -5.68 12.46 9.68
N LEU B 399 -5.31 12.24 10.93
CA LEU B 399 -6.26 12.14 12.01
C LEU B 399 -6.14 13.44 12.81
N ARG B 400 -7.28 14.11 13.07
CA ARG B 400 -7.33 15.33 13.85
C ARG B 400 -8.22 15.10 15.05
N GLU B 401 -7.64 15.24 16.27
CA GLU B 401 -8.39 15.06 17.50
C GLU B 401 -9.01 16.43 17.84
N LEU B 402 -10.34 16.55 17.70
CA LEU B 402 -11.00 17.83 17.94
C LEU B 402 -11.84 17.78 19.20
N LYS B 403 -11.93 18.88 19.95
CA LYS B 403 -12.78 18.92 21.15
C LYS B 403 -13.85 19.91 20.87
N LEU B 404 -15.12 19.45 20.88
CA LEU B 404 -16.30 20.24 20.56
C LEU B 404 -17.20 20.46 21.78
N SER B 405 -17.57 21.72 22.04
CA SER B 405 -18.45 22.11 23.13
C SER B 405 -19.30 23.33 22.72
N LYS B 406 -20.39 23.55 23.42
CA LYS B 406 -21.18 24.74 23.18
C LYS B 406 -20.52 25.83 24.04
N VAL B 407 -20.39 27.04 23.49
CA VAL B 407 -19.82 28.22 24.17
C VAL B 407 -20.69 28.54 25.41
N GLY B 408 -20.04 28.76 26.55
CA GLY B 408 -20.71 29.06 27.81
C GLY B 408 -21.05 27.87 28.69
N GLN B 409 -20.75 26.63 28.23
CA GLN B 409 -21.03 25.40 28.98
C GLN B 409 -20.02 24.26 28.70
N GLY B 410 -18.97 24.20 29.52
CA GLY B 410 -17.88 23.23 29.40
C GLY B 410 -18.27 21.77 29.55
N ASN B 411 -19.40 21.51 30.24
CA ASN B 411 -19.98 20.19 30.48
C ASN B 411 -20.45 19.52 29.19
N THR B 412 -20.65 20.31 28.11
CA THR B 412 -21.10 19.85 26.79
C THR B 412 -19.97 19.27 25.94
N GLU B 413 -18.72 19.35 26.42
CA GLU B 413 -17.52 18.90 25.70
C GLU B 413 -17.46 17.41 25.39
N ARG B 414 -16.99 17.09 24.18
CA ARG B 414 -16.79 15.72 23.68
C ARG B 414 -15.74 15.77 22.57
N THR B 415 -14.93 14.71 22.50
CA THR B 415 -13.91 14.60 21.48
C THR B 415 -14.59 14.14 20.18
N VAL B 416 -14.21 14.75 19.06
CA VAL B 416 -14.66 14.40 17.73
C VAL B 416 -13.38 14.04 16.93
N TRP B 417 -13.32 12.82 16.44
CA TRP B 417 -12.16 12.34 15.72
C TRP B 417 -12.38 12.56 14.22
N GLN B 418 -11.58 13.45 13.61
CA GLN B 418 -11.71 13.69 12.18
C GLN B 418 -10.64 12.92 11.41
N TYR B 419 -11.07 11.98 10.57
CA TYR B 419 -10.23 11.16 9.69
C TYR B 419 -10.33 11.73 8.30
N HIS B 420 -9.24 12.31 7.81
CA HIS B 420 -9.22 12.99 6.52
C HIS B 420 -8.41 12.15 5.54
N PHE B 421 -9.09 11.37 4.69
CA PHE B 421 -8.49 10.55 3.63
C PHE B 421 -7.97 11.49 2.55
N ARG B 422 -6.68 11.34 2.20
CA ARG B 422 -5.97 12.25 1.29
C ARG B 422 -5.44 11.63 -0.02
N THR B 423 -5.53 10.32 -0.22
CA THR B 423 -4.97 9.66 -1.40
C THR B 423 -5.99 9.21 -2.44
N TRP B 424 -7.27 9.63 -2.32
CA TRP B 424 -8.23 9.25 -3.34
C TRP B 424 -7.80 9.97 -4.63
N PRO B 425 -7.69 9.28 -5.80
CA PRO B 425 -7.20 9.98 -7.01
C PRO B 425 -8.11 11.09 -7.50
N ASP B 426 -7.53 12.07 -8.23
CA ASP B 426 -8.23 13.20 -8.83
C ASP B 426 -9.34 12.67 -9.74
N HIS B 427 -9.02 11.63 -10.53
CA HIS B 427 -9.98 10.95 -11.40
C HIS B 427 -10.03 9.44 -11.18
N GLY B 428 -11.23 8.90 -11.23
CA GLY B 428 -11.47 7.49 -11.07
C GLY B 428 -11.50 7.04 -9.63
N VAL B 429 -11.02 5.82 -9.40
CA VAL B 429 -11.02 5.19 -8.09
C VAL B 429 -9.62 4.68 -7.79
N PRO B 430 -9.26 4.39 -6.51
CA PRO B 430 -7.93 3.81 -6.25
C PRO B 430 -7.75 2.49 -6.99
N SER B 431 -6.53 2.23 -7.48
CA SER B 431 -6.20 0.99 -8.19
C SER B 431 -6.16 -0.20 -7.21
N ASP B 432 -5.85 0.06 -5.94
CA ASP B 432 -5.80 -0.96 -4.89
C ASP B 432 -6.78 -0.55 -3.78
N PRO B 433 -7.67 -1.44 -3.27
CA PRO B 433 -8.59 -1.02 -2.18
C PRO B 433 -8.03 -1.02 -0.75
N GLY B 434 -6.78 -1.53 -0.58
CA GLY B 434 -6.06 -1.70 0.69
C GLY B 434 -6.03 -0.51 1.63
N GLY B 435 -5.68 0.64 1.10
CA GLY B 435 -5.65 1.91 1.83
C GLY B 435 -7.04 2.29 2.32
N VAL B 436 -8.10 2.17 1.45
CA VAL B 436 -9.50 2.44 1.83
C VAL B 436 -9.94 1.47 2.94
N LEU B 437 -9.54 0.20 2.84
CA LEU B 437 -9.92 -0.81 3.82
C LEU B 437 -9.24 -0.66 5.16
N ASP B 438 -7.93 -0.37 5.16
CA ASP B 438 -7.16 -0.14 6.39
C ASP B 438 -7.73 1.09 7.11
N PHE B 439 -8.09 2.14 6.32
CA PHE B 439 -8.69 3.39 6.80
C PHE B 439 -10.06 3.14 7.46
N LEU B 440 -10.97 2.40 6.79
CA LEU B 440 -12.31 2.11 7.31
C LEU B 440 -12.28 1.25 8.59
N GLU B 441 -11.36 0.26 8.64
CA GLU B 441 -11.18 -0.63 9.80
C GLU B 441 -10.84 0.24 11.02
N GLU B 442 -9.94 1.22 10.85
CA GLU B 442 -9.52 2.16 11.90
C GLU B 442 -10.68 3.06 12.39
N VAL B 443 -11.48 3.62 11.44
CA VAL B 443 -12.70 4.41 11.74
C VAL B 443 -13.68 3.49 12.53
N HIS B 444 -13.87 2.25 12.06
CA HIS B 444 -14.76 1.30 12.73
C HIS B 444 -14.44 1.09 14.24
N HIS B 445 -13.17 0.85 14.54
CA HIS B 445 -12.68 0.62 15.89
C HIS B 445 -12.75 1.83 16.77
N LYS B 446 -12.50 3.05 16.20
CA LYS B 446 -12.65 4.30 16.95
C LYS B 446 -14.08 4.46 17.38
N GLN B 447 -15.02 4.37 16.41
CA GLN B 447 -16.47 4.46 16.63
C GLN B 447 -16.95 3.42 17.66
N GLU B 448 -16.47 2.17 17.53
CA GLU B 448 -16.80 1.08 18.43
C GLU B 448 -16.29 1.29 19.88
N SER B 449 -15.15 1.97 20.02
CA SER B 449 -14.54 2.27 21.32
C SER B 449 -15.22 3.40 22.11
N ILE B 450 -16.13 4.18 21.46
CA ILE B 450 -16.84 5.32 22.06
C ILE B 450 -18.26 4.96 22.43
N MET B 451 -18.56 4.97 23.73
CA MET B 451 -19.89 4.68 24.21
C MET B 451 -20.86 5.80 23.85
N ASP B 452 -22.04 5.40 23.32
CA ASP B 452 -23.16 6.27 22.94
C ASP B 452 -22.89 7.19 21.72
N ALA B 453 -21.75 7.01 21.00
CA ALA B 453 -21.45 7.81 19.81
C ALA B 453 -22.62 7.81 18.82
N GLY B 454 -22.94 8.98 18.27
CA GLY B 454 -24.00 9.12 17.30
C GLY B 454 -23.54 8.65 15.93
N PRO B 455 -24.22 9.06 14.83
CA PRO B 455 -23.80 8.58 13.51
C PRO B 455 -22.44 9.11 13.08
N VAL B 456 -21.78 8.40 12.18
CA VAL B 456 -20.48 8.79 11.61
C VAL B 456 -20.79 9.78 10.46
N VAL B 457 -20.19 10.99 10.49
CA VAL B 457 -20.40 11.98 9.44
C VAL B 457 -19.45 11.68 8.29
N VAL B 458 -19.97 11.49 7.05
CA VAL B 458 -19.10 11.23 5.88
C VAL B 458 -19.39 12.31 4.85
N HIS B 459 -18.36 12.93 4.29
CA HIS B 459 -18.53 13.96 3.28
C HIS B 459 -17.39 13.99 2.30
N CYS B 460 -17.69 14.44 1.09
CA CYS B 460 -16.75 14.67 0.02
C CYS B 460 -17.07 16.05 -0.54
N SER B 461 -17.45 16.19 -1.80
CA SER B 461 -17.80 17.47 -2.47
C SER B 461 -19.33 17.61 -2.51
N ALA B 462 -20.04 16.83 -3.37
CA ALA B 462 -21.51 16.87 -3.41
C ALA B 462 -22.07 15.95 -2.32
N GLY B 463 -21.24 15.03 -1.83
CA GLY B 463 -21.63 14.13 -0.76
C GLY B 463 -22.46 12.95 -1.20
N ILE B 464 -22.17 12.46 -2.43
CA ILE B 464 -22.92 11.31 -3.00
C ILE B 464 -22.04 10.24 -3.65
N GLY B 465 -20.99 10.64 -4.38
CA GLY B 465 -20.11 9.72 -5.10
C GLY B 465 -19.19 8.93 -4.21
N ARG B 466 -18.07 9.55 -3.81
CA ARG B 466 -17.07 8.97 -2.91
C ARG B 466 -17.70 8.66 -1.55
N THR B 467 -18.59 9.56 -1.07
CA THR B 467 -19.33 9.42 0.18
C THR B 467 -20.15 8.12 0.18
N GLY B 468 -20.89 7.89 -0.92
CA GLY B 468 -21.72 6.71 -1.06
C GLY B 468 -20.86 5.48 -1.16
N THR B 469 -19.73 5.59 -1.86
CA THR B 469 -18.78 4.50 -2.03
C THR B 469 -18.22 4.06 -0.67
N PHE B 470 -17.70 5.03 0.15
CA PHE B 470 -17.16 4.73 1.47
C PHE B 470 -18.22 4.12 2.37
N ILE B 471 -19.43 4.72 2.41
CA ILE B 471 -20.53 4.18 3.27
C ILE B 471 -20.89 2.75 2.86
N VAL B 472 -21.05 2.47 1.55
CA VAL B 472 -21.46 1.14 1.10
C VAL B 472 -20.42 0.08 1.50
N ILE B 473 -19.15 0.29 1.15
CA ILE B 473 -18.05 -0.61 1.53
C ILE B 473 -18.08 -0.82 3.03
N ASP B 474 -18.27 0.29 3.80
CA ASP B 474 -18.33 0.20 5.28
C ASP B 474 -19.50 -0.62 5.79
N ILE B 475 -20.68 -0.55 5.11
CA ILE B 475 -21.85 -1.39 5.46
C ILE B 475 -21.60 -2.91 5.22
N LEU B 476 -21.02 -3.24 4.06
CA LEU B 476 -20.74 -4.60 3.62
C LEU B 476 -19.69 -5.33 4.48
N ILE B 477 -18.54 -4.65 4.73
CA ILE B 477 -17.46 -5.18 5.55
C ILE B 477 -17.96 -5.33 6.99
N ASP B 478 -18.94 -4.51 7.43
CA ASP B 478 -19.53 -4.66 8.76
C ASP B 478 -20.33 -5.96 8.92
N ILE B 479 -21.03 -6.39 7.86
CA ILE B 479 -21.79 -7.65 7.81
C ILE B 479 -20.77 -8.81 7.92
N ILE B 480 -19.72 -8.78 7.10
CA ILE B 480 -18.64 -9.77 7.04
C ILE B 480 -17.82 -9.84 8.35
N ARG B 481 -17.56 -8.68 8.99
CA ARG B 481 -16.82 -8.58 10.25
C ARG B 481 -17.57 -9.29 11.39
N GLU B 482 -18.89 -9.09 11.46
CA GLU B 482 -19.78 -9.65 12.49
C GLU B 482 -20.20 -11.10 12.21
N LYS B 483 -20.62 -11.40 10.97
CA LYS B 483 -21.13 -12.72 10.58
C LYS B 483 -20.10 -13.68 9.93
N GLY B 484 -18.88 -13.20 9.69
CA GLY B 484 -17.82 -14.00 9.06
C GLY B 484 -18.10 -14.27 7.59
N VAL B 485 -17.34 -15.21 6.97
CA VAL B 485 -17.51 -15.61 5.55
C VAL B 485 -18.84 -16.33 5.31
N ASP B 486 -19.48 -16.83 6.39
CA ASP B 486 -20.77 -17.50 6.36
C ASP B 486 -21.91 -16.49 6.45
N CYS B 487 -21.96 -15.57 5.46
CA CYS B 487 -22.99 -14.54 5.36
C CYS B 487 -23.32 -14.25 3.93
N ASP B 488 -24.52 -13.73 3.70
CA ASP B 488 -25.02 -13.32 2.40
C ASP B 488 -24.74 -11.85 2.17
N ILE B 489 -24.29 -11.50 0.97
CA ILE B 489 -24.05 -10.12 0.55
C ILE B 489 -24.74 -9.88 -0.82
N ASP B 490 -25.35 -8.70 -1.00
CA ASP B 490 -26.06 -8.30 -2.22
C ASP B 490 -25.76 -6.81 -2.45
N VAL B 491 -24.70 -6.54 -3.22
CA VAL B 491 -24.16 -5.21 -3.47
C VAL B 491 -25.24 -4.24 -4.03
N PRO B 492 -25.99 -4.56 -5.15
CA PRO B 492 -27.02 -3.60 -5.62
C PRO B 492 -28.17 -3.41 -4.64
N LYS B 493 -28.50 -4.42 -3.81
CA LYS B 493 -29.58 -4.25 -2.85
C LYS B 493 -29.16 -3.24 -1.77
N THR B 494 -27.87 -3.31 -1.30
CA THR B 494 -27.29 -2.41 -0.29
C THR B 494 -27.23 -0.97 -0.85
N ILE B 495 -26.84 -0.81 -2.13
CA ILE B 495 -26.78 0.49 -2.79
C ILE B 495 -28.16 1.14 -2.95
N GLN B 496 -29.17 0.37 -3.44
CA GLN B 496 -30.56 0.83 -3.63
C GLN B 496 -31.17 1.32 -2.31
N MET B 497 -30.88 0.59 -1.21
CA MET B 497 -31.34 0.89 0.14
C MET B 497 -30.69 2.24 0.64
N VAL B 498 -29.41 2.46 0.29
CA VAL B 498 -28.68 3.67 0.68
C VAL B 498 -29.14 4.87 -0.20
N ARG B 499 -29.40 4.62 -1.50
CA ARG B 499 -29.90 5.58 -2.48
C ARG B 499 -31.31 6.04 -2.20
N SER B 500 -32.07 5.28 -1.39
CA SER B 500 -33.42 5.68 -1.02
C SER B 500 -33.35 6.70 0.15
N GLN B 501 -32.14 6.90 0.70
CA GLN B 501 -31.92 7.78 1.84
C GLN B 501 -31.15 9.05 1.49
N ARG B 502 -30.43 9.04 0.36
CA ARG B 502 -29.74 10.23 -0.19
C ARG B 502 -29.59 9.95 -1.68
N SER B 503 -29.95 10.94 -2.53
CA SER B 503 -29.94 10.79 -3.99
C SER B 503 -28.56 10.42 -4.55
N GLY B 504 -28.53 9.50 -5.52
CA GLY B 504 -27.32 9.09 -6.22
C GLY B 504 -26.13 8.59 -5.43
N MET B 505 -26.34 7.95 -4.27
CA MET B 505 -25.25 7.37 -3.50
C MET B 505 -24.60 6.29 -4.35
N VAL B 506 -23.27 6.45 -4.65
CA VAL B 506 -22.48 5.57 -5.55
C VAL B 506 -22.79 6.09 -6.98
N GLN B 507 -21.88 6.87 -7.57
CA GLN B 507 -22.09 7.57 -8.83
C GLN B 507 -21.75 6.80 -10.14
N THR B 508 -20.62 6.11 -10.16
CA THR B 508 -20.12 5.52 -11.39
C THR B 508 -19.95 4.03 -11.33
N GLU B 509 -19.74 3.44 -12.53
CA GLU B 509 -19.48 2.01 -12.70
C GLU B 509 -18.11 1.67 -12.13
N ALA B 510 -17.14 2.61 -12.22
CA ALA B 510 -15.79 2.43 -11.67
C ALA B 510 -15.88 2.24 -10.13
N GLN B 511 -16.69 3.06 -9.47
CA GLN B 511 -16.97 2.99 -8.03
C GLN B 511 -17.70 1.70 -7.69
N TYR B 512 -18.64 1.25 -8.57
CA TYR B 512 -19.41 0.01 -8.38
C TYR B 512 -18.47 -1.22 -8.34
N ARG B 513 -17.55 -1.29 -9.31
CA ARG B 513 -16.51 -2.32 -9.44
C ARG B 513 -15.60 -2.23 -8.21
N PHE B 514 -15.25 -0.98 -7.77
CA PHE B 514 -14.38 -0.73 -6.61
C PHE B 514 -14.97 -1.30 -5.32
N ILE B 515 -16.31 -1.18 -5.12
CA ILE B 515 -17.00 -1.74 -3.95
C ILE B 515 -16.78 -3.27 -3.97
N TYR B 516 -16.99 -3.91 -5.14
CA TYR B 516 -16.77 -5.36 -5.29
C TYR B 516 -15.32 -5.74 -4.99
N MET B 517 -14.33 -4.97 -5.54
CA MET B 517 -12.89 -5.16 -5.32
C MET B 517 -12.50 -5.04 -3.83
N ALA B 518 -13.13 -4.09 -3.11
CA ALA B 518 -12.88 -3.86 -1.68
C ALA B 518 -13.37 -5.00 -0.81
N VAL B 519 -14.60 -5.45 -1.06
CA VAL B 519 -15.22 -6.58 -0.34
C VAL B 519 -14.41 -7.89 -0.60
N GLN B 520 -13.97 -8.12 -1.83
CA GLN B 520 -13.16 -9.28 -2.24
C GLN B 520 -11.86 -9.31 -1.43
N HIS B 521 -11.09 -8.21 -1.49
CA HIS B 521 -9.85 -7.98 -0.77
C HIS B 521 -10.06 -8.21 0.75
N TYR B 522 -11.11 -7.61 1.34
CA TYR B 522 -11.41 -7.79 2.76
C TYR B 522 -11.56 -9.28 3.12
N ILE B 523 -12.38 -10.03 2.32
CA ILE B 523 -12.63 -11.47 2.46
C ILE B 523 -11.32 -12.26 2.30
N GLU B 524 -10.46 -11.88 1.31
CA GLU B 524 -9.14 -12.48 1.06
C GLU B 524 -8.22 -12.40 2.30
N THR B 525 -7.99 -11.19 2.84
CA THR B 525 -7.10 -10.93 3.99
C THR B 525 -7.71 -11.37 5.35
N LEU B 526 -8.56 -12.41 5.34
CA LEU B 526 -9.16 -13.02 6.54
C LEU B 526 -8.42 -14.35 6.87
C1 5OD C . 34.76 -13.64 10.22
C3 5OD C . 35.90 -15.01 11.78
C11 5OD C . 33.69 -15.28 16.02
C12 5OD C . 35.08 -15.53 16.70
C13 5OD C . 36.27 -15.85 15.71
C14 5OD C . 35.87 -16.44 14.33
C15 5OD C . 34.68 -11.57 8.81
C16 5OD C . 34.73 -10.95 7.56
C17 5OD C . 34.97 -11.69 6.38
C18 5OD C . 35.13 -13.08 6.48
C19 5OD C . 35.04 -13.71 7.73
C23 5OD C . 34.89 -16.73 17.67
N2 5OD C . 35.88 -14.29 10.63
C4 5OD C . 34.75 -15.03 12.60
N5 5OD C . 33.66 -14.36 12.18
C6 5OD C . 33.60 -13.68 11.01
N7 5OD C . 32.46 -13.02 10.73
C8 5OD C . 34.83 -12.96 8.90
N9 5OD C . 34.70 -15.72 13.78
C10 5OD C . 33.46 -15.78 14.55
CL1 5OD C . 34.53 -10.55 10.22
CL2 5OD C . 34.64 -9.20 7.55
N22 5OD C . 35.40 -14.35 17.56
C2 DZS D . 34.26 12.55 9.23
C3 DZS D . 32.86 12.48 9.14
C4 DZS D . 32.23 12.09 7.93
C5 DZS D . 33.03 11.75 6.78
C6 DZS D . 34.45 11.88 6.88
C7 DZS D . 31.00 11.34 5.51
C8 DZS D . 30.72 12.00 7.85
C11 DZS D . 26.45 12.55 6.22
C12 DZS D . 25.58 13.65 6.01
C13 DZS D . 26.11 14.96 5.90
C14 DZS D . 27.52 15.16 5.99
C17 DZS D . 34.09 10.77 3.87
C18 DZS D . 34.80 11.67 3.02
C19 DZS D . 36.11 11.34 2.57
C20 DZS D . 36.80 12.26 1.60
C21 DZS D . 36.71 10.11 2.98
C22 DZS D . 36.03 9.23 3.87
C23 DZS D . 34.72 9.57 4.31
C1 DZS D . 35.07 12.21 8.11
N1 DZS D . 32.33 11.36 5.60
N2 DZS D . 30.17 11.65 6.64
O1 DZS D . 30.05 12.30 8.83
C9 DZS D . 28.72 11.50 6.52
C10 DZS D . 27.85 12.74 6.31
C15 DZS D . 28.38 14.06 6.20
CL1 DZS D . 25.79 10.95 6.37
N3 DZS D . 30.55 10.94 4.32
N4 DZS D . 31.69 10.75 3.56
C16 DZS D . 32.73 11.09 4.33
O2 DZS D . 36.44 13.41 1.45
O3 DZS D . 37.81 11.72 0.86
O4 DZS D . 34.06 8.74 5.17
P PO4 E . 41.50 -6.18 12.11
O1 PO4 E . 41.29 -7.70 12.40
O2 PO4 E . 42.03 -6.01 10.61
O3 PO4 E . 40.12 -5.39 12.30
O4 PO4 E . 42.58 -5.57 13.11
P PO4 F . 19.40 -2.39 28.27
O1 PO4 F . 20.68 -3.12 27.63
O2 PO4 F . 19.17 -2.97 29.68
O3 PO4 F . 18.12 -2.65 27.36
O4 PO4 F . 19.68 -0.81 28.37
C1 5OD G . -30.32 -6.40 -9.67
C3 5OD G . -30.65 -8.34 -10.99
C11 5OD G . -28.61 -7.97 -15.19
C12 5OD G . -29.68 -8.98 -15.78
C13 5OD G . -30.65 -9.57 -14.71
C14 5OD G . -29.97 -9.90 -13.35
C15 5OD G . -31.24 -4.40 -8.44
C16 5OD G . -31.62 -3.77 -7.26
C17 5OD G . -31.51 -4.43 -6.02
C18 5OD G . -31.00 -5.75 -6.00
C19 5OD G . -30.60 -6.37 -7.19
C23 5OD G . -28.93 -10.15 -16.47
N2 5OD G . -30.98 -7.56 -9.94
C4 5OD G . -29.61 -7.94 -11.87
N5 5OD G . -28.98 -6.77 -11.59
C6 5OD G . -29.29 -5.99 -10.53
N7 5OD G . -28.56 -4.87 -10.38
C8 5OD G . -30.73 -5.70 -8.43
N9 5OD G . -29.24 -8.69 -12.95
C10 5OD G . -28.08 -8.32 -13.77
CL1 5OD G . -31.52 -3.54 -9.93
CL2 5OD G . -32.32 -2.17 -7.38
N22 5OD G . -30.47 -8.31 -16.86
C2 DZS H . -41.49 17.37 -10.93
C3 DZS H . -40.20 17.95 -10.87
C4 DZS H . -39.47 17.98 -9.63
C5 DZS H . -40.08 17.40 -8.47
C6 DZS H . -41.38 16.83 -8.55
C7 DZS H . -38.12 18.05 -7.19
C8 DZS H . -38.07 18.58 -9.56
C11 DZS H . -34.59 21.15 -7.98
C12 DZS H . -34.33 22.54 -7.90
C13 DZS H . -35.41 23.45 -7.95
C14 DZS H . -36.74 22.97 -8.06
C17 DZS H . -40.70 16.27 -5.54
C18 DZS H . -41.72 16.86 -4.76
C19 DZS H . -42.81 16.06 -4.32
C20 DZS H . -43.86 16.69 -3.44
C21 DZS H . -42.85 14.67 -4.62
C22 DZS H . -41.83 14.08 -5.41
C23 DZS H . -40.75 14.88 -5.87
C1 DZS H . -42.07 16.77 -9.79
N1 DZS H . -39.31 17.47 -7.26
N2 DZS H . -37.47 18.60 -8.34
O1 DZS H . -37.54 19.05 -10.58
C9 DZS H . -36.11 19.13 -8.15
C10 DZS H . -35.91 20.65 -8.08
C15 DZS H . -36.99 21.58 -8.13
CL1 DZS H . -33.24 20.07 -7.91
N3 DZS H . -37.58 17.97 -5.98
N4 DZS H . -38.55 17.39 -5.18
C16 DZS H . -39.58 17.11 -5.99
O2 DZS H . -43.99 17.91 -3.34
O3 DZS H . -44.60 15.81 -2.73
O4 DZS H . -39.77 14.29 -6.63
P PO4 I . -21.01 9.71 -28.50
O1 PO4 I . -21.36 8.17 -28.24
O2 PO4 I . -20.55 9.84 -30.03
O3 PO4 I . -19.93 10.20 -27.54
O4 PO4 I . -22.28 10.64 -28.23
P PO4 J . -25.74 16.33 22.82
O1 PO4 J . -24.64 15.44 22.07
O2 PO4 J . -25.14 16.96 24.11
O3 PO4 J . -26.98 15.38 23.21
O4 PO4 J . -26.27 17.49 21.85
C1 GOL K . -1.87 8.34 12.86
O1 GOL K . -2.27 8.63 11.52
C2 GOL K . -2.82 7.38 13.53
O2 GOL K . -2.59 7.37 14.95
C3 GOL K . -4.27 7.69 13.26
O3 GOL K . -5.06 6.52 13.26
#